data_7BZM
#
_entry.id   7BZM
#
_cell.length_a   80.402
_cell.length_b   101.557
_cell.length_c   127.458
_cell.angle_alpha   90.000
_cell.angle_beta   90.000
_cell.angle_gamma   90.000
#
_symmetry.space_group_name_H-M   'P 21 21 21'
#
loop_
_entity.id
_entity.type
_entity.pdbx_description
1 polymer 'Beta-glucosidase 7'
2 non-polymer GLUCOIMIDAZOLE
3 non-polymer '2-(N-MORPHOLINO)-ETHANESULFONIC ACID'
4 non-polymer 'ZINC ION'
5 non-polymer 'SULFATE ION'
6 water water
#
_entity_poly.entity_id   1
_entity_poly.type   'polypeptide(L)'
_entity_poly.pdbx_seq_one_letter_code
;AMADVVPKPNWLGGLSRAAFPKRFVFGTVTSAYQVEGMAASGGRGPSIWDAFAHTPGNVAGNQNGDVATDQYHRYKEDVN
LMKSLNFDAYRFSISWSRIFPDGEGRVNQEGVAYYNNLINYLLQKGITPYVNLYHYDLPLALEKKYGGWLNAKMADLFTE
YADFCFKTFGNRVKHWFTFNEPRIVALLGYDQGTNPPKRCTKCAAGGNSATEPYIVAHNFLLSHAAAVARYRTKYQAAQQ
GKVGIVLDFNWYEALSNSTEDQAAAQRARDFHIGWYLDPLINGHYPQIMQDLVKDRLPKFTPEQARLVKGSADYIGINQY
TASYMKGQQLMQQTPTSYSADWQVTYVFAKNGKPIGPQANSNWLYIVPWGMYGCVNYIKQKYGNPTVVITENGMDQPANL
SRDQYLRDTTRVHFYRSYLTQLKKAIDEGANVAGYFAWSLLDNFEWLSGYTSKFGIVYVDFNTLERHPKASAYWFRDMLK
H
;
_entity_poly.pdbx_strand_id   A,B
#
# COMPACT_ATOMS: atom_id res chain seq x y z
N TRP A 11 15.04 -29.35 -18.63
CA TRP A 11 14.14 -28.20 -18.26
C TRP A 11 14.84 -26.83 -18.44
N LEU A 12 16.13 -26.75 -18.10
CA LEU A 12 16.98 -25.61 -18.48
C LEU A 12 17.39 -25.67 -19.96
N GLY A 13 17.44 -26.88 -20.52
CA GLY A 13 17.80 -27.07 -21.93
C GLY A 13 19.25 -26.69 -22.23
N GLY A 14 20.13 -26.91 -21.25
CA GLY A 14 21.54 -26.54 -21.37
C GLY A 14 21.86 -25.08 -21.08
N LEU A 15 20.85 -24.28 -20.73
CA LEU A 15 21.07 -22.86 -20.43
C LEU A 15 21.49 -22.64 -18.99
N SER A 16 22.42 -21.71 -18.82
CA SER A 16 22.98 -21.33 -17.54
C SER A 16 23.76 -20.06 -17.83
N ARG A 17 24.33 -19.44 -16.81
CA ARG A 17 25.18 -18.27 -17.01
C ARG A 17 26.43 -18.57 -17.84
N ALA A 18 26.96 -19.78 -17.71
CA ALA A 18 28.08 -20.25 -18.55
C ALA A 18 27.75 -20.31 -20.05
N ALA A 19 26.46 -20.38 -20.40
CA ALA A 19 26.02 -20.37 -21.79
C ALA A 19 25.97 -18.99 -22.45
N PHE A 20 26.11 -17.92 -21.67
CA PHE A 20 26.11 -16.55 -22.18
C PHE A 20 27.45 -15.89 -21.86
N PRO A 21 27.80 -14.78 -22.56
CA PRO A 21 29.10 -14.14 -22.35
C PRO A 21 29.38 -13.76 -20.89
N LYS A 22 30.65 -13.71 -20.55
CA LYS A 22 31.10 -13.25 -19.23
C LYS A 22 30.43 -11.89 -18.91
N ARG A 23 29.82 -11.79 -17.75
CA ARG A 23 29.18 -10.54 -17.26
C ARG A 23 27.97 -10.03 -18.10
N PHE A 24 27.32 -10.95 -18.81
CA PHE A 24 26.02 -10.69 -19.45
C PHE A 24 25.03 -10.36 -18.32
N VAL A 25 24.23 -9.31 -18.51
CA VAL A 25 23.30 -8.84 -17.48
C VAL A 25 21.92 -9.49 -17.66
N PHE A 26 21.41 -10.11 -16.61
CA PHE A 26 20.04 -10.65 -16.58
C PHE A 26 19.17 -9.84 -15.61
N GLY A 27 18.00 -9.39 -16.05
CA GLY A 27 17.08 -8.62 -15.21
C GLY A 27 15.61 -8.86 -15.45
N THR A 28 14.77 -8.17 -14.69
CA THR A 28 13.34 -8.11 -14.95
C THR A 28 12.93 -6.64 -15.09
N VAL A 29 11.70 -6.43 -15.52
CA VAL A 29 11.22 -5.11 -15.95
C VAL A 29 9.84 -4.82 -15.42
N THR A 30 9.63 -3.57 -15.03
CA THR A 30 8.31 -3.00 -14.83
C THR A 30 8.31 -1.57 -15.45
N SER A 31 7.16 -0.91 -15.39
CA SER A 31 7.07 0.52 -15.64
C SER A 31 6.23 1.15 -14.55
N ALA A 32 6.41 2.46 -14.38
CA ALA A 32 5.87 3.19 -13.23
C ALA A 32 4.36 3.05 -13.08
N TYR A 33 3.63 3.44 -14.10
CA TYR A 33 2.17 3.38 -14.01
C TYR A 33 1.64 1.96 -13.90
N GLN A 34 2.37 0.99 -14.47
CA GLN A 34 1.90 -0.39 -14.48
C GLN A 34 2.03 -1.10 -13.13
N VAL A 35 2.98 -0.69 -12.28
CA VAL A 35 3.19 -1.34 -10.98
C VAL A 35 3.09 -0.48 -9.70
N GLU A 36 3.40 0.82 -9.76
CA GLU A 36 3.61 1.64 -8.53
C GLU A 36 2.35 1.78 -7.69
N GLY A 37 1.22 2.10 -8.32
CA GLY A 37 0.07 2.62 -7.60
C GLY A 37 0.39 4.00 -7.05
N MET A 38 -0.34 4.37 -6.00
CA MET A 38 -0.30 5.73 -5.44
C MET A 38 -0.33 6.77 -6.55
N ALA A 39 -1.28 6.59 -7.46
CA ALA A 39 -1.37 7.42 -8.67
C ALA A 39 -1.74 8.86 -8.36
N ALA A 40 -2.64 9.06 -7.40
CA ALA A 40 -3.06 10.38 -6.96
C ALA A 40 -2.70 10.62 -5.48
N SER A 41 -1.59 10.05 -5.05
CA SER A 41 -1.08 10.25 -3.69
C SER A 41 0.41 10.48 -3.76
N GLY A 42 1.00 10.79 -2.60
CA GLY A 42 2.42 11.08 -2.51
C GLY A 42 2.85 12.32 -3.28
N GLY A 43 1.91 13.24 -3.49
CA GLY A 43 2.15 14.42 -4.32
C GLY A 43 2.13 14.24 -5.83
N ARG A 44 1.91 13.03 -6.34
CA ARG A 44 1.95 12.81 -7.81
C ARG A 44 0.83 13.52 -8.57
N GLY A 45 1.18 14.17 -9.67
CA GLY A 45 0.20 14.76 -10.58
C GLY A 45 -0.28 13.74 -11.61
N PRO A 46 -1.45 14.00 -12.22
CA PRO A 46 -1.96 13.06 -13.21
C PRO A 46 -1.17 13.03 -14.53
N SER A 47 -0.96 11.83 -15.08
CA SER A 47 -0.47 11.67 -16.46
C SER A 47 -1.65 11.57 -17.42
N ILE A 48 -1.36 11.61 -18.72
CA ILE A 48 -2.39 11.33 -19.77
C ILE A 48 -3.09 9.97 -19.60
N TRP A 49 -2.38 8.99 -19.07
CA TRP A 49 -2.97 7.67 -18.77
C TRP A 49 -3.94 7.64 -17.59
N ASP A 50 -3.72 8.50 -16.58
CA ASP A 50 -4.69 8.65 -15.49
C ASP A 50 -6.04 9.14 -16.03
N ALA A 51 -6.01 10.20 -16.84
CA ALA A 51 -7.25 10.72 -17.45
C ALA A 51 -7.92 9.67 -18.36
N PHE A 52 -7.13 9.03 -19.20
CA PHE A 52 -7.62 8.00 -20.12
C PHE A 52 -8.26 6.83 -19.37
N ALA A 53 -7.54 6.28 -18.38
CA ALA A 53 -8.01 5.12 -17.61
C ALA A 53 -9.28 5.39 -16.79
N HIS A 54 -9.45 6.63 -16.33
CA HIS A 54 -10.63 7.04 -15.54
C HIS A 54 -11.88 7.36 -16.37
N THR A 55 -11.76 7.36 -17.69
CA THR A 55 -12.92 7.56 -18.56
C THR A 55 -13.59 6.20 -18.80
N PRO A 56 -14.91 6.06 -18.46
CA PRO A 56 -15.60 4.78 -18.63
C PRO A 56 -15.48 4.22 -20.05
N GLY A 57 -15.16 2.93 -20.15
CA GLY A 57 -15.06 2.25 -21.43
C GLY A 57 -13.69 2.21 -22.07
N ASN A 58 -12.72 2.97 -21.56
CA ASN A 58 -11.38 2.97 -22.20
C ASN A 58 -10.55 1.72 -21.86
N VAL A 59 -10.70 1.19 -20.66
CA VAL A 59 -9.92 0.04 -20.21
C VAL A 59 -10.87 -1.08 -19.85
N ALA A 60 -10.44 -2.33 -20.06
CA ALA A 60 -11.19 -3.52 -19.64
C ALA A 60 -11.63 -3.44 -18.19
N GLY A 61 -12.93 -3.68 -17.95
CA GLY A 61 -13.55 -3.58 -16.61
C GLY A 61 -13.50 -2.19 -15.96
N ASN A 62 -13.33 -1.14 -16.77
CA ASN A 62 -13.08 0.21 -16.28
C ASN A 62 -11.95 0.33 -15.23
N GLN A 63 -10.96 -0.57 -15.29
CA GLN A 63 -9.90 -0.61 -14.31
C GLN A 63 -8.86 0.47 -14.62
N ASN A 64 -8.02 0.73 -13.63
CA ASN A 64 -6.97 1.75 -13.75
C ASN A 64 -5.77 1.37 -12.89
N GLY A 65 -4.73 2.21 -12.90
CA GLY A 65 -3.54 1.99 -12.10
C GLY A 65 -3.46 2.76 -10.80
N ASP A 66 -4.61 3.13 -10.20
CA ASP A 66 -4.61 3.84 -8.92
C ASP A 66 -3.82 3.08 -7.88
N VAL A 67 -4.06 1.77 -7.80
CA VAL A 67 -3.37 0.90 -6.84
C VAL A 67 -2.33 0.03 -7.54
N ALA A 68 -2.72 -0.60 -8.65
CA ALA A 68 -1.80 -1.46 -9.42
C ALA A 68 -1.27 -2.60 -8.53
N THR A 69 0.04 -2.84 -8.49
CA THR A 69 0.61 -3.85 -7.57
C THR A 69 0.97 -3.24 -6.22
N ASP A 70 0.84 -1.93 -6.09
CA ASP A 70 1.25 -1.18 -4.89
C ASP A 70 2.74 -1.35 -4.58
N GLN A 71 3.58 -1.37 -5.62
CA GLN A 71 5.03 -1.45 -5.42
C GLN A 71 5.54 -0.24 -4.64
N TYR A 72 4.85 0.90 -4.73
CA TYR A 72 5.20 2.10 -3.98
C TYR A 72 5.42 1.81 -2.50
N HIS A 73 4.53 1.00 -1.92
CA HIS A 73 4.68 0.58 -0.53
C HIS A 73 5.45 -0.73 -0.33
N ARG A 74 5.51 -1.61 -1.32
CA ARG A 74 6.10 -2.96 -1.15
C ARG A 74 7.46 -3.18 -1.83
N TYR A 75 8.12 -2.11 -2.24
CA TYR A 75 9.28 -2.24 -3.13
C TYR A 75 10.40 -3.11 -2.52
N LYS A 76 10.57 -3.08 -1.21
CA LYS A 76 11.59 -3.90 -0.58
C LYS A 76 11.28 -5.40 -0.66
N GLU A 77 9.99 -5.76 -0.57
CA GLU A 77 9.58 -7.15 -0.83
C GLU A 77 9.96 -7.57 -2.24
N ASP A 78 9.61 -6.72 -3.20
CA ASP A 78 9.85 -7.04 -4.61
C ASP A 78 11.34 -7.12 -4.93
N VAL A 79 12.15 -6.23 -4.34
CA VAL A 79 13.62 -6.31 -4.51
C VAL A 79 14.19 -7.58 -3.90
N ASN A 80 13.74 -7.95 -2.69
CA ASN A 80 14.21 -9.19 -2.07
C ASN A 80 13.86 -10.39 -2.94
N LEU A 81 12.68 -10.34 -3.53
CA LEU A 81 12.22 -11.42 -4.40
C LEU A 81 13.12 -11.55 -5.62
N MET A 82 13.35 -10.45 -6.34
CA MET A 82 14.24 -10.50 -7.52
C MET A 82 15.67 -10.95 -7.16
N LYS A 83 16.17 -10.56 -5.99
CA LYS A 83 17.48 -11.05 -5.53
C LYS A 83 17.48 -12.57 -5.28
N SER A 84 16.43 -13.07 -4.64
CA SER A 84 16.31 -14.52 -4.39
C SER A 84 16.17 -15.34 -5.69
N LEU A 85 15.75 -14.72 -6.78
CA LEU A 85 15.69 -15.40 -8.09
C LEU A 85 16.96 -15.23 -8.95
N ASN A 86 18.01 -14.64 -8.36
CA ASN A 86 19.36 -14.54 -8.93
C ASN A 86 19.55 -13.56 -10.10
N PHE A 87 18.63 -12.61 -10.25
CA PHE A 87 18.79 -11.53 -11.25
C PHE A 87 19.89 -10.56 -10.82
N ASP A 88 20.52 -9.91 -11.80
CA ASP A 88 21.60 -8.92 -11.58
C ASP A 88 21.11 -7.48 -11.67
N ALA A 89 19.97 -7.27 -12.32
CA ALA A 89 19.53 -5.93 -12.65
C ALA A 89 18.02 -5.79 -12.67
N TYR A 90 17.56 -4.55 -12.62
CA TYR A 90 16.12 -4.27 -12.61
C TYR A 90 15.88 -3.05 -13.47
N ARG A 91 15.04 -3.21 -14.49
CA ARG A 91 14.64 -2.10 -15.33
C ARG A 91 13.31 -1.59 -14.81
N PHE A 92 13.29 -0.33 -14.40
CA PHE A 92 12.06 0.35 -13.99
C PHE A 92 12.06 1.77 -14.55
N SER A 93 10.91 2.42 -14.48
CA SER A 93 10.77 3.78 -14.98
C SER A 93 10.45 4.76 -13.87
N ILE A 94 10.82 6.01 -14.08
CA ILE A 94 10.45 7.13 -13.21
C ILE A 94 9.23 7.80 -13.82
N SER A 95 8.21 8.02 -13.01
CA SER A 95 7.03 8.80 -13.41
C SER A 95 7.36 10.29 -13.41
N TRP A 96 7.37 10.90 -14.59
CA TRP A 96 7.64 12.34 -14.75
C TRP A 96 6.71 13.15 -13.82
N SER A 97 5.42 12.81 -13.79
CA SER A 97 4.46 13.56 -12.98
C SER A 97 4.55 13.29 -11.46
N ARG A 98 5.23 12.22 -11.05
CA ARG A 98 5.58 12.04 -9.63
C ARG A 98 6.71 13.00 -9.19
N ILE A 99 7.62 13.35 -10.09
CA ILE A 99 8.70 14.31 -9.81
C ILE A 99 8.21 15.75 -9.98
N PHE A 100 7.62 16.03 -11.14
CA PHE A 100 7.10 17.34 -11.49
C PHE A 100 5.61 17.17 -11.77
N PRO A 101 4.73 17.39 -10.77
CA PRO A 101 3.28 17.21 -10.96
C PRO A 101 2.68 17.95 -12.15
N ASP A 102 3.22 19.12 -12.49
CA ASP A 102 2.82 19.86 -13.70
C ASP A 102 3.78 19.68 -14.88
N GLY A 103 4.73 18.74 -14.75
CA GLY A 103 5.73 18.49 -15.79
C GLY A 103 6.88 19.47 -15.86
N GLU A 104 6.76 20.59 -15.14
CA GLU A 104 7.73 21.69 -15.15
C GLU A 104 7.53 22.47 -13.84
N GLY A 105 8.52 23.28 -13.46
CA GLY A 105 8.42 24.10 -12.26
C GLY A 105 8.66 23.31 -10.97
N ARG A 106 7.62 23.16 -10.15
CA ARG A 106 7.75 22.68 -8.77
C ARG A 106 8.09 21.17 -8.65
N VAL A 107 9.13 20.88 -7.85
CA VAL A 107 9.54 19.49 -7.55
C VAL A 107 8.69 18.96 -6.39
N ASN A 108 8.15 17.76 -6.55
CA ASN A 108 7.49 17.01 -5.48
C ASN A 108 8.58 16.18 -4.76
N GLN A 109 9.00 16.65 -3.59
CA GLN A 109 10.10 16.05 -2.82
C GLN A 109 9.78 14.64 -2.29
N GLU A 110 8.52 14.40 -1.99
CA GLU A 110 8.06 13.06 -1.62
C GLU A 110 8.27 12.04 -2.77
N GLY A 111 8.07 12.48 -4.01
CA GLY A 111 8.34 11.65 -5.18
C GLY A 111 9.83 11.36 -5.28
N VAL A 112 10.64 12.40 -5.12
CA VAL A 112 12.11 12.26 -5.21
C VAL A 112 12.60 11.23 -4.20
N ALA A 113 12.07 11.30 -2.97
CA ALA A 113 12.46 10.41 -1.89
C ALA A 113 12.10 8.95 -2.22
N TYR A 114 10.94 8.72 -2.83
CA TYR A 114 10.57 7.36 -3.22
C TYR A 114 11.62 6.71 -4.14
N TYR A 115 12.00 7.40 -5.20
CA TYR A 115 12.98 6.86 -6.15
C TYR A 115 14.39 6.77 -5.54
N ASN A 116 14.75 7.72 -4.68
CA ASN A 116 15.98 7.59 -3.89
C ASN A 116 15.99 6.31 -3.03
N ASN A 117 14.88 6.04 -2.34
CA ASN A 117 14.77 4.86 -1.48
C ASN A 117 14.82 3.54 -2.26
N LEU A 118 14.13 3.51 -3.40
CA LEU A 118 14.16 2.34 -4.30
C LEU A 118 15.55 2.08 -4.85
N ILE A 119 16.17 3.12 -5.40
CA ILE A 119 17.54 3.03 -5.94
C ILE A 119 18.55 2.59 -4.88
N ASN A 120 18.46 3.18 -3.68
CA ASN A 120 19.40 2.84 -2.61
C ASN A 120 19.21 1.40 -2.14
N TYR A 121 17.95 0.94 -2.03
CA TYR A 121 17.71 -0.43 -1.61
C TYR A 121 18.21 -1.43 -2.66
N LEU A 122 17.92 -1.17 -3.94
CA LEU A 122 18.46 -1.98 -5.03
C LEU A 122 19.99 -2.15 -4.95
N LEU A 123 20.70 -1.03 -4.80
CA LEU A 123 22.15 -1.07 -4.66
C LEU A 123 22.61 -1.80 -3.39
N GLN A 124 21.89 -1.62 -2.29
CA GLN A 124 22.18 -2.33 -1.04
C GLN A 124 22.09 -3.86 -1.22
N LYS A 125 21.12 -4.32 -2.02
CA LYS A 125 20.92 -5.73 -2.31
C LYS A 125 21.73 -6.25 -3.52
N GLY A 126 22.59 -5.41 -4.10
CA GLY A 126 23.45 -5.81 -5.22
C GLY A 126 22.76 -5.96 -6.57
N ILE A 127 21.67 -5.24 -6.78
CA ILE A 127 20.90 -5.26 -8.04
C ILE A 127 21.12 -3.93 -8.78
N THR A 128 21.54 -4.00 -10.04
CA THR A 128 21.86 -2.81 -10.82
C THR A 128 20.59 -2.15 -11.40
N PRO A 129 20.35 -0.86 -11.07
CA PRO A 129 19.19 -0.16 -11.62
C PRO A 129 19.42 0.30 -13.08
N TYR A 130 18.50 -0.06 -13.95
CA TYR A 130 18.43 0.44 -15.32
C TYR A 130 17.19 1.32 -15.38
N VAL A 131 17.37 2.63 -15.51
CA VAL A 131 16.27 3.56 -15.24
C VAL A 131 15.77 4.22 -16.51
N ASN A 132 14.48 4.02 -16.81
CA ASN A 132 13.80 4.69 -17.90
C ASN A 132 13.17 6.00 -17.43
N LEU A 133 13.34 7.06 -18.20
CA LEU A 133 12.76 8.36 -17.84
C LEU A 133 11.31 8.52 -18.25
N TYR A 134 10.86 7.75 -19.25
CA TYR A 134 9.54 7.91 -19.85
C TYR A 134 8.98 6.58 -20.34
N HIS A 135 7.75 6.27 -19.94
CA HIS A 135 7.08 5.04 -20.34
C HIS A 135 5.58 5.33 -20.45
N TYR A 136 5.24 6.00 -21.55
CA TYR A 136 3.86 6.38 -21.93
C TYR A 136 3.16 7.44 -21.06
N ASP A 137 3.81 7.92 -20.00
CA ASP A 137 3.09 8.60 -18.90
C ASP A 137 3.38 10.10 -18.87
N LEU A 138 3.12 10.77 -19.99
CA LEU A 138 3.28 12.22 -20.11
C LEU A 138 2.41 12.93 -19.08
N PRO A 139 3.00 13.86 -18.30
CA PRO A 139 2.16 14.69 -17.42
C PRO A 139 1.01 15.36 -18.17
N LEU A 140 -0.20 15.24 -17.62
CA LEU A 140 -1.39 15.77 -18.24
C LEU A 140 -1.30 17.28 -18.45
N ALA A 141 -0.66 17.98 -17.51
CA ALA A 141 -0.46 19.43 -17.61
C ALA A 141 0.30 19.84 -18.87
N LEU A 142 1.27 19.03 -19.28
CA LEU A 142 2.03 19.30 -20.52
C LEU A 142 1.24 19.00 -21.78
N GLU A 143 0.39 17.98 -21.75
CA GLU A 143 -0.54 17.71 -22.85
C GLU A 143 -1.49 18.89 -23.09
N LYS A 144 -2.10 19.39 -22.02
CA LYS A 144 -3.06 20.50 -22.10
C LYS A 144 -2.38 21.83 -22.48
N LYS A 145 -1.23 22.13 -21.90
CA LYS A 145 -0.57 23.42 -22.10
C LYS A 145 0.15 23.51 -23.44
N TYR A 146 0.82 22.44 -23.86
CA TYR A 146 1.69 22.45 -25.04
C TYR A 146 1.26 21.57 -26.21
N GLY A 147 0.27 20.70 -26.03
CA GLY A 147 -0.11 19.73 -27.05
C GLY A 147 0.82 18.52 -27.12
N GLY A 148 1.55 18.27 -26.02
CA GLY A 148 2.41 17.07 -25.93
C GLY A 148 3.43 16.94 -27.05
N TRP A 149 3.56 15.73 -27.58
CA TRP A 149 4.64 15.42 -28.53
C TRP A 149 4.47 15.99 -29.95
N LEU A 150 3.34 16.62 -30.24
CA LEU A 150 3.19 17.42 -31.45
C LEU A 150 4.01 18.71 -31.42
N ASN A 151 4.39 19.18 -30.23
CA ASN A 151 5.11 20.44 -30.05
C ASN A 151 6.60 20.21 -29.88
N ALA A 152 7.40 20.82 -30.78
CA ALA A 152 8.88 20.79 -30.70
C ALA A 152 9.45 21.24 -29.36
N LYS A 153 8.73 22.11 -28.63
CA LYS A 153 9.10 22.53 -27.27
C LYS A 153 9.30 21.34 -26.26
N MET A 154 8.74 20.17 -26.54
CA MET A 154 9.03 18.96 -25.74
C MET A 154 10.52 18.62 -25.60
N ALA A 155 11.36 18.98 -26.57
CA ALA A 155 12.82 18.78 -26.42
C ALA A 155 13.37 19.53 -25.21
N ASP A 156 13.02 20.81 -25.05
CA ASP A 156 13.40 21.60 -23.87
C ASP A 156 12.76 21.05 -22.58
N LEU A 157 11.46 20.78 -22.62
CA LEU A 157 10.72 20.31 -21.44
C LEU A 157 11.26 18.96 -20.94
N PHE A 158 11.51 18.04 -21.88
CA PHE A 158 12.09 16.75 -21.54
C PHE A 158 13.54 16.89 -21.11
N THR A 159 14.31 17.77 -21.75
CA THR A 159 15.71 17.98 -21.37
C THR A 159 15.84 18.49 -19.92
N GLU A 160 14.98 19.43 -19.52
CA GLU A 160 14.97 19.94 -18.13
C GLU A 160 14.59 18.87 -17.09
N TYR A 161 13.60 18.05 -17.41
CA TYR A 161 13.23 16.90 -16.59
C TYR A 161 14.38 15.88 -16.47
N ALA A 162 15.00 15.53 -17.61
CA ALA A 162 16.13 14.61 -17.61
C ALA A 162 17.34 15.16 -16.83
N ASP A 163 17.64 16.45 -17.03
CA ASP A 163 18.68 17.16 -16.27
C ASP A 163 18.50 17.01 -14.76
N PHE A 164 17.27 17.21 -14.29
CA PHE A 164 16.97 17.04 -12.87
C PHE A 164 17.26 15.60 -12.41
N CYS A 165 16.80 14.63 -13.20
CA CYS A 165 17.06 13.21 -12.89
C CYS A 165 18.54 12.85 -12.88
N PHE A 166 19.31 13.37 -13.84
CA PHE A 166 20.75 13.10 -13.87
C PHE A 166 21.42 13.67 -12.64
N LYS A 167 21.10 14.93 -12.32
CA LYS A 167 21.60 15.62 -11.13
C LYS A 167 21.29 14.86 -9.84
N THR A 168 20.02 14.51 -9.67
CA THR A 168 19.50 13.97 -8.42
C THR A 168 19.86 12.49 -8.17
N PHE A 169 19.88 11.67 -9.23
CA PHE A 169 20.11 10.21 -9.09
C PHE A 169 21.39 9.67 -9.76
N GLY A 170 22.01 10.44 -10.64
CA GLY A 170 23.10 9.96 -11.48
C GLY A 170 24.44 9.64 -10.84
N ASN A 171 24.66 10.04 -9.59
CA ASN A 171 25.85 9.58 -8.85
C ASN A 171 25.74 8.08 -8.51
N ARG A 172 24.51 7.57 -8.48
CA ARG A 172 24.23 6.16 -8.20
C ARG A 172 23.73 5.38 -9.43
N VAL A 173 22.87 6.00 -10.24
CA VAL A 173 22.37 5.37 -11.48
C VAL A 173 23.33 5.64 -12.63
N LYS A 174 23.79 4.55 -13.26
CA LYS A 174 24.75 4.60 -14.38
C LYS A 174 24.20 4.06 -15.71
N HIS A 175 22.96 3.56 -15.69
CA HIS A 175 22.35 2.98 -16.88
C HIS A 175 20.98 3.58 -17.06
N TRP A 176 20.88 4.49 -18.03
CA TRP A 176 19.66 5.23 -18.32
C TRP A 176 19.08 4.84 -19.67
N PHE A 177 17.75 4.94 -19.78
CA PHE A 177 17.04 5.06 -21.06
C PHE A 177 16.18 6.30 -21.01
N THR A 178 16.03 6.95 -22.17
CA THR A 178 15.18 8.12 -22.28
C THR A 178 13.73 7.66 -22.44
N PHE A 179 13.43 6.99 -23.54
CA PHE A 179 12.06 6.63 -23.92
C PHE A 179 11.88 5.15 -24.11
N ASN A 180 10.64 4.70 -23.91
CA ASN A 180 10.21 3.35 -24.17
C ASN A 180 9.25 3.35 -25.36
N GLU A 181 9.74 2.87 -26.50
CA GLU A 181 8.94 2.59 -27.68
C GLU A 181 8.19 3.79 -28.26
N PRO A 182 8.92 4.82 -28.72
CA PRO A 182 8.24 5.95 -29.38
C PRO A 182 7.38 5.59 -30.62
N ARG A 183 7.70 4.47 -31.30
CA ARG A 183 6.85 3.97 -32.39
C ARG A 183 5.42 3.69 -31.94
N ILE A 184 5.25 3.11 -30.75
CA ILE A 184 3.93 2.74 -30.21
C ILE A 184 3.15 3.99 -29.79
N VAL A 185 3.84 4.97 -29.22
CA VAL A 185 3.22 6.26 -28.89
C VAL A 185 2.64 6.86 -30.17
N ALA A 186 3.48 6.90 -31.21
CA ALA A 186 3.10 7.45 -32.51
C ALA A 186 1.97 6.67 -33.18
N LEU A 187 2.08 5.34 -33.21
CA LEU A 187 1.09 4.49 -33.87
C LEU A 187 -0.25 4.50 -33.14
N LEU A 188 -0.23 4.20 -31.84
CA LEU A 188 -1.48 4.04 -31.08
C LEU A 188 -2.08 5.37 -30.64
N GLY A 189 -1.23 6.37 -30.37
CA GLY A 189 -1.69 7.68 -29.95
C GLY A 189 -2.11 8.63 -31.06
N TYR A 190 -1.54 8.46 -32.26
CA TYR A 190 -1.71 9.43 -33.34
C TYR A 190 -2.05 8.88 -34.73
N ASP A 191 -2.00 7.57 -34.92
CA ASP A 191 -2.38 6.95 -36.20
C ASP A 191 -3.73 6.26 -36.00
N GLN A 192 -3.76 5.25 -35.13
CA GLN A 192 -4.99 4.49 -34.86
C GLN A 192 -5.89 5.20 -33.84
N GLY A 193 -5.30 5.96 -32.92
CA GLY A 193 -6.06 6.70 -31.92
C GLY A 193 -6.72 5.88 -30.82
N THR A 194 -6.09 4.77 -30.45
CA THR A 194 -6.59 3.87 -29.39
C THR A 194 -5.94 4.10 -28.01
N ASN A 195 -4.73 4.64 -27.96
CA ASN A 195 -4.07 5.03 -26.70
C ASN A 195 -4.12 6.56 -26.60
N PRO A 196 -3.87 7.13 -25.40
CA PRO A 196 -3.87 8.60 -25.31
C PRO A 196 -2.75 9.25 -26.17
N PRO A 197 -2.99 10.40 -26.78
CA PRO A 197 -4.18 11.25 -26.59
C PRO A 197 -5.38 10.94 -27.50
N LYS A 198 -5.47 9.72 -28.06
CA LYS A 198 -6.60 9.30 -28.91
C LYS A 198 -6.80 10.18 -30.12
N ARG A 199 -5.71 10.42 -30.86
CA ARG A 199 -5.77 11.24 -32.06
C ARG A 199 -5.65 10.36 -33.30
N CYS A 200 -6.42 10.72 -34.32
CA CYS A 200 -6.41 10.09 -35.64
C CYS A 200 -7.27 10.94 -36.59
N THR A 201 -7.30 10.57 -37.85
CA THR A 201 -8.11 11.29 -38.83
C THR A 201 -9.60 11.27 -38.47
N LYS A 202 -10.13 10.11 -38.08
CA LYS A 202 -11.55 10.00 -37.69
C LYS A 202 -11.90 10.64 -36.32
N CYS A 203 -10.92 10.73 -35.42
CA CYS A 203 -11.19 10.76 -33.97
C CYS A 203 -11.85 12.02 -33.43
N ALA A 204 -12.62 11.84 -32.36
CA ALA A 204 -13.33 12.94 -31.69
C ALA A 204 -12.37 14.02 -31.16
N ALA A 205 -11.20 13.62 -30.66
CA ALA A 205 -10.19 14.58 -30.19
C ALA A 205 -9.45 15.34 -31.32
N GLY A 206 -9.71 15.00 -32.58
CA GLY A 206 -9.00 15.58 -33.72
C GLY A 206 -7.83 14.71 -34.16
N GLY A 207 -7.09 15.18 -35.16
CA GLY A 207 -5.88 14.51 -35.62
C GLY A 207 -5.79 14.34 -37.12
N ASN A 208 -4.74 13.64 -37.52
CA ASN A 208 -4.45 13.36 -38.92
C ASN A 208 -3.44 12.22 -38.94
N SER A 209 -3.92 11.03 -39.29
CA SER A 209 -3.12 9.81 -39.25
C SER A 209 -1.95 9.77 -40.25
N ALA A 210 -2.00 10.60 -41.29
CA ALA A 210 -0.94 10.67 -42.30
C ALA A 210 0.25 11.55 -41.93
N THR A 211 0.05 12.51 -41.03
CA THR A 211 1.06 13.53 -40.67
C THR A 211 1.56 13.44 -39.21
N GLU A 212 0.63 13.33 -38.26
CA GLU A 212 0.99 13.45 -36.84
C GLU A 212 1.93 12.35 -36.31
N PRO A 213 1.79 11.09 -36.76
CA PRO A 213 2.76 10.08 -36.34
C PRO A 213 4.22 10.43 -36.66
N TYR A 214 4.47 11.07 -37.80
CA TYR A 214 5.82 11.47 -38.18
C TYR A 214 6.32 12.69 -37.41
N ILE A 215 5.43 13.63 -37.09
CA ILE A 215 5.77 14.77 -36.25
C ILE A 215 6.20 14.28 -34.85
N VAL A 216 5.37 13.43 -34.25
CA VAL A 216 5.60 12.86 -32.92
C VAL A 216 6.94 12.12 -32.83
N ALA A 217 7.22 11.28 -33.83
CA ALA A 217 8.46 10.48 -33.85
C ALA A 217 9.70 11.36 -33.97
N HIS A 218 9.59 12.40 -34.80
CA HIS A 218 10.66 13.37 -34.99
C HIS A 218 10.99 14.06 -33.67
N ASN A 219 9.94 14.44 -32.93
CA ASN A 219 10.13 15.11 -31.65
C ASN A 219 10.66 14.20 -30.54
N PHE A 220 10.32 12.92 -30.57
CA PHE A 220 10.97 11.95 -29.68
C PHE A 220 12.48 11.88 -29.95
N LEU A 221 12.85 11.84 -31.23
CA LEU A 221 14.26 11.77 -31.62
C LEU A 221 15.06 13.03 -31.25
N LEU A 222 14.49 14.21 -31.52
CA LEU A 222 15.11 15.48 -31.12
C LEU A 222 15.22 15.59 -29.61
N SER A 223 14.18 15.16 -28.90
CA SER A 223 14.15 15.17 -27.44
C SER A 223 15.19 14.24 -26.84
N HIS A 224 15.29 13.02 -27.38
CA HIS A 224 16.34 12.09 -26.97
C HIS A 224 17.73 12.70 -27.16
N ALA A 225 17.97 13.25 -28.34
CA ALA A 225 19.26 13.83 -28.68
C ALA A 225 19.64 15.00 -27.78
N ALA A 226 18.67 15.84 -27.46
CA ALA A 226 18.90 17.01 -26.61
C ALA A 226 19.22 16.57 -25.17
N ALA A 227 18.50 15.57 -24.68
CA ALA A 227 18.72 15.06 -23.32
C ALA A 227 20.11 14.41 -23.17
N VAL A 228 20.53 13.68 -24.20
CA VAL A 228 21.84 13.02 -24.21
C VAL A 228 22.95 14.05 -24.34
N ALA A 229 22.77 15.05 -25.20
CA ALA A 229 23.75 16.13 -25.29
C ALA A 229 23.92 16.81 -23.94
N ARG A 230 22.83 17.01 -23.21
CA ARG A 230 22.88 17.58 -21.84
C ARG A 230 23.66 16.68 -20.90
N TYR A 231 23.35 15.38 -20.93
CA TYR A 231 24.08 14.40 -20.15
C TYR A 231 25.58 14.43 -20.44
N ARG A 232 25.94 14.43 -21.72
CA ARG A 232 27.35 14.35 -22.13
C ARG A 232 28.16 15.61 -21.81
N THR A 233 27.55 16.77 -21.98
CA THR A 233 28.25 18.04 -21.72
C THR A 233 28.33 18.43 -20.25
N LYS A 234 27.37 18.01 -19.41
CA LYS A 234 27.29 18.48 -18.01
C LYS A 234 27.55 17.43 -16.92
N TYR A 235 27.21 16.16 -17.17
CA TYR A 235 27.18 15.11 -16.12
C TYR A 235 28.11 13.91 -16.33
N GLN A 236 28.37 13.54 -17.58
CA GLN A 236 29.09 12.29 -17.89
C GLN A 236 30.52 12.23 -17.35
N ALA A 237 31.22 13.38 -17.34
CA ALA A 237 32.62 13.40 -16.87
C ALA A 237 32.73 12.95 -15.42
N ALA A 238 31.86 13.47 -14.58
CA ALA A 238 31.82 13.12 -13.16
C ALA A 238 31.10 11.78 -12.91
N GLN A 239 29.97 11.53 -13.59
CA GLN A 239 29.11 10.37 -13.27
C GLN A 239 29.49 9.06 -13.99
N GLN A 240 30.02 9.19 -15.21
CA GLN A 240 30.54 8.04 -15.97
C GLN A 240 29.50 6.94 -16.26
N GLY A 241 28.26 7.37 -16.50
CA GLY A 241 27.17 6.47 -16.85
C GLY A 241 26.92 6.47 -18.34
N LYS A 242 25.80 5.89 -18.73
CA LYS A 242 25.40 5.71 -20.13
C LYS A 242 23.91 5.99 -20.28
N VAL A 243 23.51 6.40 -21.48
CA VAL A 243 22.13 6.69 -21.82
C VAL A 243 21.82 6.05 -23.17
N GLY A 244 20.73 5.30 -23.22
CA GLY A 244 20.24 4.68 -24.45
C GLY A 244 18.77 4.98 -24.67
N ILE A 245 18.15 4.21 -25.54
CA ILE A 245 16.76 4.35 -25.86
C ILE A 245 16.18 2.96 -26.11
N VAL A 246 14.91 2.79 -25.83
CA VAL A 246 14.23 1.51 -26.00
C VAL A 246 13.32 1.61 -27.22
N LEU A 247 13.51 0.68 -28.17
CA LEU A 247 12.72 0.64 -29.40
C LEU A 247 12.07 -0.73 -29.52
N ASP A 248 10.81 -0.76 -29.96
CA ASP A 248 10.17 -2.06 -30.21
C ASP A 248 10.59 -2.60 -31.58
N PHE A 249 10.75 -3.91 -31.66
CA PHE A 249 11.06 -4.55 -32.93
C PHE A 249 10.48 -5.94 -32.93
N ASN A 250 9.44 -6.14 -33.72
CA ASN A 250 8.94 -7.48 -34.01
C ASN A 250 9.45 -7.88 -35.39
N TRP A 251 9.76 -9.17 -35.56
CA TRP A 251 10.40 -9.64 -36.77
C TRP A 251 9.41 -9.76 -37.94
N TYR A 252 9.88 -9.44 -39.13
CA TYR A 252 9.12 -9.59 -40.36
C TYR A 252 9.87 -10.51 -41.30
N GLU A 253 9.21 -11.57 -41.72
CA GLU A 253 9.76 -12.60 -42.61
C GLU A 253 8.98 -12.56 -43.91
N ALA A 254 9.69 -12.55 -45.03
CA ALA A 254 9.02 -12.66 -46.33
C ALA A 254 8.24 -13.97 -46.43
N LEU A 255 7.01 -13.91 -46.89
CA LEU A 255 6.16 -15.10 -47.05
C LEU A 255 6.76 -16.10 -48.05
N SER A 256 7.40 -15.58 -49.09
CA SER A 256 8.11 -16.39 -50.09
C SER A 256 9.40 -15.68 -50.49
N ASN A 257 10.21 -16.34 -51.31
CA ASN A 257 11.49 -15.77 -51.78
C ASN A 257 11.36 -14.87 -53.02
N SER A 258 10.14 -14.53 -53.45
CA SER A 258 9.96 -13.58 -54.54
C SER A 258 10.55 -12.20 -54.21
N THR A 259 10.93 -11.47 -55.26
CA THR A 259 11.39 -10.08 -55.14
C THR A 259 10.35 -9.21 -54.44
N GLU A 260 9.07 -9.45 -54.76
CA GLU A 260 7.96 -8.68 -54.20
C GLU A 260 7.83 -8.89 -52.68
N ASP A 261 7.86 -10.15 -52.25
CA ASP A 261 7.69 -10.48 -50.81
C ASP A 261 8.93 -10.15 -49.98
N GLN A 262 10.12 -10.34 -50.56
CA GLN A 262 11.36 -9.93 -49.89
C GLN A 262 11.43 -8.41 -49.69
N ALA A 263 10.98 -7.64 -50.66
CA ALA A 263 10.97 -6.19 -50.57
C ALA A 263 9.92 -5.67 -49.58
N ALA A 264 8.78 -6.36 -49.50
CA ALA A 264 7.74 -6.04 -48.50
C ALA A 264 8.22 -6.21 -47.06
N ALA A 265 8.87 -7.35 -46.79
CA ALA A 265 9.45 -7.62 -45.48
C ALA A 265 10.48 -6.55 -45.09
N GLN A 266 11.31 -6.14 -46.04
CA GLN A 266 12.33 -5.12 -45.79
C GLN A 266 11.73 -3.73 -45.61
N ARG A 267 10.65 -3.40 -46.32
CA ARG A 267 9.93 -2.14 -46.07
C ARG A 267 9.37 -2.10 -44.66
N ALA A 268 8.80 -3.22 -44.22
CA ALA A 268 8.24 -3.33 -42.88
C ALA A 268 9.29 -3.12 -41.81
N ARG A 269 10.47 -3.74 -42.00
CA ARG A 269 11.61 -3.52 -41.10
C ARG A 269 12.00 -2.06 -41.03
N ASP A 270 12.10 -1.42 -42.21
CA ASP A 270 12.49 0.00 -42.28
C ASP A 270 11.46 0.95 -41.65
N PHE A 271 10.18 0.72 -41.92
CA PHE A 271 9.12 1.51 -41.28
C PHE A 271 8.96 1.26 -39.77
N HIS A 272 9.33 0.07 -39.30
CA HIS A 272 9.18 -0.32 -37.88
C HIS A 272 10.39 0.14 -37.07
N ILE A 273 11.58 -0.36 -37.41
CA ILE A 273 12.79 -0.15 -36.62
C ILE A 273 13.73 0.86 -37.26
N GLY A 274 13.87 0.80 -38.59
CA GLY A 274 14.66 1.78 -39.33
C GLY A 274 14.26 3.21 -39.07
N TRP A 275 12.96 3.44 -38.90
CA TRP A 275 12.39 4.75 -38.59
C TRP A 275 13.21 5.50 -37.52
N TYR A 276 13.63 4.77 -36.48
CA TYR A 276 14.46 5.32 -35.39
C TYR A 276 15.94 4.96 -35.48
N LEU A 277 16.25 3.73 -35.91
CA LEU A 277 17.64 3.27 -35.96
C LEU A 277 18.49 3.95 -37.01
N ASP A 278 17.93 4.21 -38.17
CA ASP A 278 18.70 4.91 -39.20
C ASP A 278 19.11 6.31 -38.75
N PRO A 279 18.20 7.09 -38.13
CA PRO A 279 18.65 8.35 -37.53
C PRO A 279 19.69 8.17 -36.40
N LEU A 280 19.45 7.27 -35.46
CA LEU A 280 20.37 7.07 -34.31
C LEU A 280 21.76 6.54 -34.70
N ILE A 281 21.84 5.72 -35.75
CA ILE A 281 23.11 5.12 -36.20
C ILE A 281 23.74 5.88 -37.37
N ASN A 282 22.94 6.18 -38.40
CA ASN A 282 23.43 6.74 -39.65
C ASN A 282 23.07 8.22 -39.90
N GLY A 283 22.27 8.82 -39.02
CA GLY A 283 21.98 10.25 -39.12
C GLY A 283 20.99 10.67 -40.20
N HIS A 284 20.13 9.76 -40.64
CA HIS A 284 19.05 10.08 -41.59
C HIS A 284 17.92 9.06 -41.50
N TYR A 285 16.72 9.44 -41.95
CA TYR A 285 15.63 8.48 -42.04
C TYR A 285 15.91 7.46 -43.13
N PRO A 286 15.29 6.26 -43.03
CA PRO A 286 15.47 5.29 -44.12
C PRO A 286 15.09 5.87 -45.48
N GLN A 287 15.81 5.47 -46.51
CA GLN A 287 15.57 5.98 -47.87
C GLN A 287 14.14 5.69 -48.36
N ILE A 288 13.66 4.48 -48.13
CA ILE A 288 12.29 4.12 -48.54
C ILE A 288 11.21 5.01 -47.90
N MET A 289 11.44 5.41 -46.65
CA MET A 289 10.52 6.33 -45.97
C MET A 289 10.57 7.72 -46.61
N GLN A 290 11.78 8.21 -46.91
CA GLN A 290 11.93 9.44 -47.68
C GLN A 290 11.23 9.39 -49.04
N ASP A 291 11.36 8.27 -49.74
CA ASP A 291 10.73 8.07 -51.06
C ASP A 291 9.19 8.00 -51.01
N LEU A 292 8.64 7.29 -50.01
CA LEU A 292 7.18 7.04 -49.94
C LEU A 292 6.40 8.09 -49.16
N VAL A 293 6.97 8.58 -48.06
CA VAL A 293 6.29 9.54 -47.18
C VAL A 293 6.52 10.98 -47.64
N LYS A 294 7.71 11.25 -48.19
CA LYS A 294 8.03 12.55 -48.86
C LYS A 294 7.95 13.73 -47.89
N ASP A 295 7.18 14.78 -48.20
CA ASP A 295 7.16 15.99 -47.36
C ASP A 295 6.28 15.87 -46.09
N ARG A 296 5.58 14.75 -45.92
CA ARG A 296 5.01 14.39 -44.61
C ARG A 296 6.09 13.91 -43.60
N LEU A 297 7.29 13.56 -44.09
CA LEU A 297 8.37 13.18 -43.20
C LEU A 297 9.24 14.42 -42.91
N PRO A 298 9.30 14.85 -41.63
CA PRO A 298 10.17 16.02 -41.36
C PRO A 298 11.65 15.79 -41.73
N LYS A 299 12.35 16.88 -42.00
CA LYS A 299 13.76 16.84 -42.39
C LYS A 299 14.61 17.31 -41.23
N PHE A 300 15.58 16.50 -40.84
CA PHE A 300 16.63 16.93 -39.90
C PHE A 300 17.50 17.91 -40.66
N THR A 301 17.84 19.02 -40.02
CA THR A 301 18.92 19.87 -40.51
C THR A 301 20.24 19.10 -40.31
N PRO A 302 21.32 19.53 -40.99
CA PRO A 302 22.60 18.85 -40.74
C PRO A 302 22.99 18.82 -39.25
N GLU A 303 22.74 19.92 -38.53
CA GLU A 303 23.15 20.03 -37.13
C GLU A 303 22.33 19.10 -36.21
N GLN A 304 21.03 19.00 -36.50
CA GLN A 304 20.15 18.08 -35.80
C GLN A 304 20.52 16.61 -36.07
N ALA A 305 20.75 16.29 -37.33
CA ALA A 305 21.20 14.94 -37.72
C ALA A 305 22.50 14.54 -37.01
N ARG A 306 23.47 15.45 -36.95
CA ARG A 306 24.73 15.21 -36.23
C ARG A 306 24.54 15.05 -34.71
N LEU A 307 23.54 15.72 -34.15
CA LEU A 307 23.20 15.56 -32.73
C LEU A 307 22.49 14.23 -32.43
N VAL A 308 21.63 13.80 -33.36
CA VAL A 308 20.90 12.55 -33.23
C VAL A 308 21.81 11.33 -33.49
N LYS A 309 22.66 11.41 -34.52
CA LYS A 309 23.60 10.34 -34.87
C LYS A 309 24.55 10.05 -33.73
N GLY A 310 24.62 8.78 -33.33
CA GLY A 310 25.50 8.35 -32.23
C GLY A 310 25.07 8.77 -30.83
N SER A 311 23.80 9.17 -30.66
CA SER A 311 23.32 9.65 -29.37
C SER A 311 22.77 8.54 -28.46
N ALA A 312 22.84 7.28 -28.87
CA ALA A 312 22.49 6.17 -27.96
C ALA A 312 23.74 5.34 -27.69
N ASP A 313 24.10 5.21 -26.42
CA ASP A 313 25.24 4.38 -26.01
C ASP A 313 24.95 2.88 -26.13
N TYR A 314 23.67 2.53 -26.09
CA TYR A 314 23.21 1.19 -26.43
C TYR A 314 21.77 1.31 -26.87
N ILE A 315 21.31 0.30 -27.60
CA ILE A 315 19.95 0.24 -28.10
C ILE A 315 19.19 -0.82 -27.31
N GLY A 316 18.11 -0.41 -26.67
CA GLY A 316 17.19 -1.33 -26.04
C GLY A 316 16.23 -1.85 -27.10
N ILE A 317 16.09 -3.17 -27.16
CA ILE A 317 15.12 -3.82 -28.04
C ILE A 317 14.08 -4.60 -27.23
N ASN A 318 12.83 -4.20 -27.39
CA ASN A 318 11.69 -4.98 -26.90
C ASN A 318 11.25 -5.94 -28.01
N GLN A 319 11.50 -7.24 -27.81
CA GLN A 319 11.26 -8.27 -28.84
C GLN A 319 10.25 -9.26 -28.29
N TYR A 320 9.14 -9.43 -29.00
CA TYR A 320 8.08 -10.34 -28.58
C TYR A 320 7.67 -11.39 -29.63
N THR A 321 7.50 -10.98 -30.88
CA THR A 321 6.77 -11.80 -31.84
C THR A 321 7.29 -11.58 -33.28
N ALA A 322 6.65 -12.25 -34.25
CA ALA A 322 7.03 -12.14 -35.66
C ALA A 322 5.84 -12.32 -36.57
N SER A 323 5.97 -11.86 -37.81
CA SER A 323 4.91 -11.93 -38.81
C SER A 323 5.50 -12.28 -40.17
N TYR A 324 4.71 -12.97 -40.99
CA TYR A 324 5.02 -13.09 -42.42
C TYR A 324 4.53 -11.81 -43.11
N MET A 325 5.31 -11.35 -44.09
CA MET A 325 4.95 -10.19 -44.91
C MET A 325 4.86 -10.56 -46.40
N LYS A 326 3.82 -10.06 -47.04
CA LYS A 326 3.51 -10.31 -48.44
C LYS A 326 3.50 -8.95 -49.16
N GLY A 327 3.96 -8.96 -50.39
CA GLY A 327 4.15 -7.74 -51.16
C GLY A 327 3.20 -7.55 -52.30
N GLN A 328 3.53 -6.56 -53.11
CA GLN A 328 2.73 -6.10 -54.23
C GLN A 328 3.56 -5.09 -55.03
N GLN A 329 3.02 -4.62 -56.15
CA GLN A 329 3.64 -3.51 -56.89
C GLN A 329 3.45 -2.23 -56.07
N LEU A 330 4.51 -1.42 -55.94
CA LEU A 330 4.42 -0.11 -55.27
C LEU A 330 3.57 0.88 -56.09
N MET A 331 2.51 1.40 -55.46
CA MET A 331 1.53 2.27 -56.13
C MET A 331 1.68 3.72 -55.67
N GLN A 332 1.33 4.64 -56.57
CA GLN A 332 1.02 6.00 -56.17
C GLN A 332 -0.34 5.95 -55.46
N GLN A 333 -0.41 6.51 -54.27
CA GLN A 333 -1.64 6.50 -53.45
C GLN A 333 -1.81 7.82 -52.72
N THR A 334 -3.06 8.21 -52.53
CA THR A 334 -3.41 9.31 -51.62
C THR A 334 -2.96 8.91 -50.21
N PRO A 335 -2.20 9.78 -49.50
CA PRO A 335 -1.82 9.48 -48.11
C PRO A 335 -3.04 9.30 -47.18
N THR A 336 -3.07 8.20 -46.41
CA THR A 336 -4.10 8.01 -45.37
C THR A 336 -3.55 7.79 -43.95
N SER A 337 -2.45 7.04 -43.81
CA SER A 337 -1.88 6.76 -42.49
C SER A 337 -0.45 6.26 -42.54
N TYR A 338 0.25 6.39 -41.41
CA TYR A 338 1.56 5.76 -41.23
C TYR A 338 1.50 4.28 -41.57
N SER A 339 0.48 3.57 -41.08
CA SER A 339 0.32 2.13 -41.32
C SER A 339 0.14 1.78 -42.80
N ALA A 340 -0.71 2.53 -43.51
CA ALA A 340 -0.92 2.34 -44.96
C ALA A 340 0.29 2.73 -45.84
N ASP A 341 1.13 3.65 -45.37
CA ASP A 341 2.37 4.03 -46.10
C ASP A 341 3.33 2.87 -46.40
N TRP A 342 3.30 1.79 -45.61
CA TRP A 342 4.27 0.68 -45.77
C TRP A 342 4.02 -0.11 -47.06
N GLN A 343 2.75 -0.19 -47.46
CA GLN A 343 2.29 -0.96 -48.62
C GLN A 343 2.67 -2.43 -48.51
N VAL A 344 2.19 -3.04 -47.44
CA VAL A 344 2.44 -4.44 -47.16
C VAL A 344 1.15 -5.11 -46.69
N THR A 345 1.13 -6.43 -46.79
CA THR A 345 0.01 -7.23 -46.34
C THR A 345 0.55 -8.19 -45.28
N TYR A 346 -0.04 -8.12 -44.08
CA TYR A 346 0.32 -9.02 -42.98
C TYR A 346 -0.28 -10.39 -43.27
N VAL A 347 0.49 -11.45 -42.98
CA VAL A 347 0.06 -12.83 -43.13
C VAL A 347 0.57 -13.60 -41.90
N PHE A 348 -0.28 -14.43 -41.32
CA PHE A 348 0.08 -15.16 -40.09
C PHE A 348 0.14 -16.68 -40.27
N ALA A 349 0.13 -17.16 -41.52
CA ALA A 349 0.36 -18.56 -41.85
C ALA A 349 1.15 -18.76 -43.14
N LYS A 350 1.89 -19.85 -43.19
CA LYS A 350 2.67 -20.22 -44.37
C LYS A 350 2.55 -21.73 -44.54
N ASN A 351 2.37 -22.18 -45.78
CA ASN A 351 2.22 -23.62 -46.11
C ASN A 351 1.15 -24.32 -45.23
N GLY A 352 0.06 -23.61 -44.98
CA GLY A 352 -1.05 -24.14 -44.18
C GLY A 352 -0.88 -24.20 -42.67
N LYS A 353 0.26 -23.71 -42.15
CA LYS A 353 0.59 -23.76 -40.73
C LYS A 353 0.70 -22.33 -40.17
N PRO A 354 0.16 -22.09 -38.96
CA PRO A 354 0.38 -20.75 -38.38
C PRO A 354 1.85 -20.51 -38.01
N ILE A 355 2.28 -19.25 -38.03
CA ILE A 355 3.65 -18.87 -37.63
C ILE A 355 3.99 -19.32 -36.21
N GLY A 356 2.99 -19.32 -35.35
CA GLY A 356 3.11 -19.88 -34.01
C GLY A 356 1.78 -19.78 -33.28
N PRO A 357 1.67 -20.42 -32.11
CA PRO A 357 0.47 -20.28 -31.31
C PRO A 357 0.45 -18.91 -30.61
N GLN A 358 -0.75 -18.45 -30.26
CA GLN A 358 -0.92 -17.16 -29.61
C GLN A 358 -0.89 -17.32 -28.10
N ALA A 359 -0.33 -16.33 -27.41
CA ALA A 359 -0.50 -16.19 -25.97
C ALA A 359 -1.89 -15.60 -25.73
N ASN A 360 -2.16 -15.09 -24.54
CA ASN A 360 -3.45 -14.45 -24.29
C ASN A 360 -3.67 -13.20 -25.18
N SER A 361 -2.64 -12.39 -25.39
CA SER A 361 -2.76 -11.18 -26.23
C SER A 361 -2.84 -11.59 -27.69
N ASN A 362 -3.84 -11.09 -28.41
CA ASN A 362 -4.08 -11.53 -29.80
C ASN A 362 -2.90 -11.26 -30.71
N TRP A 363 -2.17 -10.16 -30.45
CA TRP A 363 -0.99 -9.79 -31.24
C TRP A 363 0.27 -10.66 -30.94
N LEU A 364 0.29 -11.37 -29.82
CA LEU A 364 1.50 -12.08 -29.40
C LEU A 364 1.55 -13.53 -29.94
N TYR A 365 2.21 -13.70 -31.08
CA TYR A 365 2.46 -15.02 -31.65
C TYR A 365 3.80 -15.52 -31.10
N ILE A 366 3.78 -16.73 -30.54
CA ILE A 366 4.96 -17.31 -29.92
C ILE A 366 5.84 -17.82 -31.05
N VAL A 367 6.90 -17.07 -31.36
CA VAL A 367 7.79 -17.34 -32.51
C VAL A 367 9.24 -17.14 -32.07
N PRO A 368 9.86 -18.15 -31.44
CA PRO A 368 11.22 -17.98 -30.90
C PRO A 368 12.27 -17.53 -31.91
N TRP A 369 12.19 -18.04 -33.13
CA TRP A 369 13.17 -17.70 -34.17
C TRP A 369 13.14 -16.23 -34.61
N GLY A 370 12.05 -15.53 -34.30
CA GLY A 370 11.99 -14.07 -34.45
C GLY A 370 13.01 -13.31 -33.60
N MET A 371 13.34 -13.85 -32.43
CA MET A 371 14.39 -13.26 -31.59
C MET A 371 15.72 -13.30 -32.33
N TYR A 372 16.05 -14.44 -32.92
CA TYR A 372 17.25 -14.57 -33.76
C TYR A 372 17.18 -13.62 -34.96
N GLY A 373 16.04 -13.62 -35.65
CA GLY A 373 15.80 -12.72 -36.78
C GLY A 373 16.16 -11.27 -36.48
N CYS A 374 15.54 -10.71 -35.45
CA CYS A 374 15.78 -9.31 -35.06
C CYS A 374 17.22 -8.99 -34.69
N VAL A 375 17.81 -9.82 -33.83
CA VAL A 375 19.15 -9.58 -33.32
C VAL A 375 20.17 -9.71 -34.46
N ASN A 376 20.02 -10.74 -35.28
CA ASN A 376 20.90 -10.93 -36.42
C ASN A 376 20.81 -9.81 -37.44
N TYR A 377 19.59 -9.34 -37.69
CA TYR A 377 19.36 -8.26 -38.63
C TYR A 377 20.06 -6.96 -38.19
N ILE A 378 19.90 -6.59 -36.92
CA ILE A 378 20.54 -5.40 -36.38
C ILE A 378 22.06 -5.52 -36.42
N LYS A 379 22.57 -6.72 -36.09
CA LYS A 379 24.00 -7.00 -36.20
C LYS A 379 24.51 -6.71 -37.60
N GLN A 380 23.90 -7.36 -38.59
CA GLN A 380 24.35 -7.30 -39.98
C GLN A 380 24.13 -5.94 -40.67
N LYS A 381 23.08 -5.22 -40.27
CA LYS A 381 22.71 -3.98 -40.98
C LYS A 381 23.27 -2.69 -40.38
N TYR A 382 23.36 -2.61 -39.05
CA TYR A 382 23.70 -1.36 -38.37
C TYR A 382 25.10 -1.32 -37.71
N GLY A 383 26.02 -2.13 -38.23
CA GLY A 383 27.40 -2.16 -37.70
C GLY A 383 27.54 -2.79 -36.32
N ASN A 384 26.62 -3.71 -35.99
CA ASN A 384 26.67 -4.48 -34.73
C ASN A 384 26.74 -3.59 -33.46
N PRO A 385 25.79 -2.65 -33.31
CA PRO A 385 25.78 -1.81 -32.11
C PRO A 385 25.49 -2.60 -30.85
N THR A 386 25.84 -2.05 -29.69
CA THR A 386 25.54 -2.69 -28.43
C THR A 386 24.01 -2.68 -28.26
N VAL A 387 23.45 -3.88 -28.14
CA VAL A 387 22.02 -4.10 -27.99
C VAL A 387 21.75 -4.68 -26.60
N VAL A 388 20.65 -4.25 -25.99
CA VAL A 388 20.11 -4.88 -24.77
C VAL A 388 18.70 -5.31 -25.12
N ILE A 389 18.36 -6.58 -24.85
CA ILE A 389 16.98 -7.03 -24.94
C ILE A 389 16.29 -6.51 -23.67
N THR A 390 15.51 -5.45 -23.83
CA THR A 390 14.95 -4.72 -22.70
C THR A 390 13.58 -5.23 -22.29
N GLU A 391 12.91 -6.00 -23.15
CA GLU A 391 11.69 -6.75 -22.78
C GLU A 391 11.53 -7.98 -23.65
N ASN A 392 11.04 -9.04 -23.04
CA ASN A 392 10.63 -10.25 -23.74
C ASN A 392 9.76 -11.01 -22.78
N GLY A 393 8.58 -11.46 -23.22
CA GLY A 393 7.68 -12.18 -22.33
C GLY A 393 6.36 -12.55 -22.98
N MET A 394 5.47 -13.17 -22.21
CA MET A 394 4.16 -13.59 -22.74
C MET A 394 3.12 -13.59 -21.64
N ASP A 395 1.84 -13.57 -22.02
CA ASP A 395 0.77 -13.46 -21.04
C ASP A 395 -0.17 -14.66 -20.94
N GLN A 396 -0.70 -14.85 -19.72
CA GLN A 396 -1.79 -15.78 -19.42
C GLN A 396 -3.09 -14.98 -19.36
N PRO A 397 -4.24 -15.66 -19.54
CA PRO A 397 -5.52 -14.95 -19.48
C PRO A 397 -6.03 -14.72 -18.06
N ALA A 398 -7.14 -14.00 -17.96
CA ALA A 398 -7.82 -13.74 -16.68
C ALA A 398 -8.54 -14.96 -16.14
N ASN A 399 -9.02 -14.85 -14.90
CA ASN A 399 -9.95 -15.80 -14.29
C ASN A 399 -9.42 -17.24 -14.03
N LEU A 400 -8.10 -17.44 -14.06
CA LEU A 400 -7.54 -18.74 -13.66
C LEU A 400 -7.41 -18.80 -12.14
N SER A 401 -7.32 -20.01 -11.60
CA SER A 401 -6.98 -20.20 -10.19
C SER A 401 -5.54 -19.78 -9.94
N ARG A 402 -5.22 -19.53 -8.67
CA ARG A 402 -3.84 -19.24 -8.28
C ARG A 402 -2.89 -20.32 -8.79
N ASP A 403 -3.20 -21.58 -8.48
CA ASP A 403 -2.34 -22.70 -8.86
C ASP A 403 -2.19 -22.86 -10.36
N GLN A 404 -3.24 -22.56 -11.12
CA GLN A 404 -3.14 -22.49 -12.57
C GLN A 404 -2.15 -21.41 -13.04
N TYR A 405 -2.18 -20.23 -12.41
CA TYR A 405 -1.22 -19.17 -12.73
C TYR A 405 0.20 -19.61 -12.41
N LEU A 406 0.38 -20.30 -11.28
CA LEU A 406 1.70 -20.74 -10.82
C LEU A 406 2.34 -21.81 -11.69
N ARG A 407 1.51 -22.69 -12.25
N ARG A 407 1.53 -22.70 -12.25
CA ARG A 407 1.99 -23.77 -13.12
CA ARG A 407 2.02 -23.78 -13.10
C ARG A 407 2.07 -23.30 -14.57
C ARG A 407 2.08 -23.31 -14.56
N ASP A 408 2.92 -22.30 -14.82
CA ASP A 408 2.98 -21.62 -16.14
C ASP A 408 3.99 -22.27 -17.10
N THR A 409 3.72 -23.53 -17.45
CA THR A 409 4.62 -24.33 -18.26
C THR A 409 4.83 -23.73 -19.66
N THR A 410 3.81 -23.06 -20.21
CA THR A 410 3.94 -22.35 -21.49
C THR A 410 4.98 -21.22 -21.45
N ARG A 411 5.00 -20.47 -20.36
CA ARG A 411 5.99 -19.40 -20.16
C ARG A 411 7.40 -19.94 -19.94
N VAL A 412 7.53 -21.06 -19.21
CA VAL A 412 8.81 -21.76 -19.09
C VAL A 412 9.36 -22.10 -20.48
N HIS A 413 8.53 -22.75 -21.29
CA HIS A 413 8.86 -23.09 -22.69
C HIS A 413 9.18 -21.84 -23.54
N PHE A 414 8.41 -20.77 -23.36
CA PHE A 414 8.65 -19.50 -24.08
C PHE A 414 10.08 -19.00 -23.82
N TYR A 415 10.47 -18.89 -22.56
CA TYR A 415 11.79 -18.36 -22.22
C TYR A 415 12.96 -19.28 -22.63
N ARG A 416 12.81 -20.59 -22.45
CA ARG A 416 13.85 -21.55 -22.87
C ARG A 416 14.11 -21.41 -24.37
N SER A 417 13.03 -21.42 -25.16
CA SER A 417 13.12 -21.29 -26.61
C SER A 417 13.68 -19.95 -27.10
N TYR A 418 13.12 -18.84 -26.60
CA TYR A 418 13.57 -17.51 -27.02
C TYR A 418 15.02 -17.26 -26.64
N LEU A 419 15.40 -17.62 -25.40
CA LEU A 419 16.77 -17.47 -24.93
C LEU A 419 17.77 -18.38 -25.66
N THR A 420 17.31 -19.55 -26.11
CA THR A 420 18.15 -20.44 -26.95
C THR A 420 18.41 -19.75 -28.29
N GLN A 421 17.38 -19.12 -28.84
CA GLN A 421 17.53 -18.37 -30.08
C GLN A 421 18.41 -17.13 -29.90
N LEU A 422 18.31 -16.48 -28.74
CA LEU A 422 19.20 -15.36 -28.42
C LEU A 422 20.64 -15.82 -28.28
N LYS A 423 20.86 -16.95 -27.60
CA LYS A 423 22.19 -17.55 -27.47
C LYS A 423 22.83 -17.83 -28.83
N LYS A 424 22.03 -18.34 -29.76
CA LYS A 424 22.47 -18.63 -31.12
C LYS A 424 22.99 -17.38 -31.85
N ALA A 425 22.26 -16.28 -31.75
CA ALA A 425 22.66 -14.99 -32.33
C ALA A 425 23.96 -14.46 -31.72
N ILE A 426 24.09 -14.60 -30.40
CA ILE A 426 25.26 -14.12 -29.68
C ILE A 426 26.51 -14.97 -30.04
N ASP A 427 26.35 -16.29 -30.10
CA ASP A 427 27.42 -17.20 -30.51
C ASP A 427 27.92 -16.95 -31.95
N GLU A 428 27.07 -16.37 -32.80
CA GLU A 428 27.47 -15.88 -34.12
C GLU A 428 28.07 -14.46 -34.14
N GLY A 429 28.14 -13.78 -33.00
CA GLY A 429 28.85 -12.50 -32.90
C GLY A 429 28.03 -11.26 -32.62
N ALA A 430 26.72 -11.39 -32.40
CA ALA A 430 25.88 -10.21 -32.09
C ALA A 430 26.27 -9.60 -30.74
N ASN A 431 26.44 -8.27 -30.69
CA ASN A 431 26.86 -7.56 -29.47
C ASN A 431 25.67 -7.26 -28.53
N VAL A 432 25.11 -8.33 -27.94
CA VAL A 432 24.02 -8.23 -26.97
C VAL A 432 24.61 -8.24 -25.57
N ALA A 433 24.39 -7.16 -24.81
CA ALA A 433 24.98 -6.98 -23.47
C ALA A 433 24.07 -7.46 -22.33
N GLY A 434 22.79 -7.68 -22.60
CA GLY A 434 21.84 -8.03 -21.56
C GLY A 434 20.47 -8.46 -22.04
N TYR A 435 19.71 -9.05 -21.12
CA TYR A 435 18.38 -9.54 -21.36
C TYR A 435 17.53 -9.29 -20.11
N PHE A 436 16.34 -8.74 -20.33
CA PHE A 436 15.41 -8.40 -19.28
C PHE A 436 14.02 -8.98 -19.61
N ALA A 437 13.43 -9.70 -18.65
CA ALA A 437 12.11 -10.31 -18.78
C ALA A 437 10.96 -9.39 -18.41
N TRP A 438 10.01 -9.24 -19.34
CA TRP A 438 8.77 -8.54 -19.05
C TRP A 438 7.74 -9.61 -18.61
N SER A 439 7.27 -9.64 -17.36
CA SER A 439 7.54 -8.67 -16.27
C SER A 439 7.91 -9.42 -15.00
N LEU A 440 8.49 -8.71 -14.03
CA LEU A 440 8.67 -9.28 -12.71
C LEU A 440 7.34 -9.73 -12.15
N LEU A 441 6.31 -8.89 -12.32
CA LEU A 441 5.00 -9.09 -11.69
C LEU A 441 3.88 -8.98 -12.72
N ASP A 442 2.81 -9.73 -12.49
CA ASP A 442 1.55 -9.43 -13.16
C ASP A 442 1.20 -7.96 -12.82
N ASN A 443 0.68 -7.22 -13.77
CA ASN A 443 0.50 -5.77 -13.57
C ASN A 443 -0.63 -5.20 -14.43
N PHE A 444 -0.79 -3.87 -14.40
CA PHE A 444 -1.78 -3.17 -15.22
C PHE A 444 -1.35 -3.17 -16.69
N GLU A 445 -2.04 -3.95 -17.52
CA GLU A 445 -1.64 -4.13 -18.92
C GLU A 445 -2.43 -3.21 -19.85
N TRP A 446 -2.31 -1.90 -19.61
CA TRP A 446 -2.90 -0.84 -20.42
C TRP A 446 -4.39 -1.10 -20.78
N LEU A 447 -4.75 -1.22 -22.07
CA LEU A 447 -6.15 -1.41 -22.46
C LEU A 447 -6.77 -2.72 -21.93
N SER A 448 -5.93 -3.73 -21.67
CA SER A 448 -6.39 -5.00 -21.11
C SER A 448 -6.60 -4.97 -19.58
N GLY A 449 -6.20 -3.89 -18.92
CA GLY A 449 -6.29 -3.77 -17.46
C GLY A 449 -5.57 -4.92 -16.78
N TYR A 450 -6.26 -5.57 -15.85
CA TYR A 450 -5.74 -6.73 -15.13
C TYR A 450 -6.20 -8.08 -15.71
N THR A 451 -6.68 -8.07 -16.97
CA THR A 451 -7.11 -9.30 -17.64
C THR A 451 -5.97 -10.03 -18.35
N SER A 452 -4.78 -9.43 -18.39
CA SER A 452 -3.60 -10.00 -19.04
C SER A 452 -2.47 -10.12 -18.01
N LYS A 453 -1.91 -11.32 -17.85
CA LYS A 453 -0.90 -11.61 -16.82
C LYS A 453 0.46 -11.95 -17.43
N PHE A 454 1.37 -10.96 -17.42
CA PHE A 454 2.73 -11.08 -17.98
C PHE A 454 3.82 -11.47 -16.97
N GLY A 455 3.49 -11.60 -15.69
CA GLY A 455 4.50 -11.79 -14.65
C GLY A 455 5.15 -13.16 -14.56
N ILE A 456 6.41 -13.20 -14.15
CA ILE A 456 7.04 -14.43 -13.65
C ILE A 456 6.67 -14.67 -12.19
N VAL A 457 6.22 -13.61 -11.52
CA VAL A 457 5.62 -13.70 -10.19
C VAL A 457 4.14 -13.35 -10.30
N TYR A 458 3.30 -14.20 -9.71
CA TYR A 458 1.85 -13.99 -9.67
C TYR A 458 1.53 -12.89 -8.67
N VAL A 459 0.59 -12.01 -9.03
CA VAL A 459 0.04 -11.05 -8.10
C VAL A 459 -1.45 -11.32 -7.96
N ASP A 460 -1.88 -11.62 -6.74
CA ASP A 460 -3.31 -11.73 -6.43
C ASP A 460 -3.85 -10.31 -6.29
N PHE A 461 -4.68 -9.86 -7.22
CA PHE A 461 -5.13 -8.45 -7.21
C PHE A 461 -6.26 -8.11 -6.23
N ASN A 462 -6.71 -9.09 -5.44
CA ASN A 462 -7.55 -8.81 -4.27
C ASN A 462 -6.74 -8.53 -3.02
N THR A 463 -5.76 -9.40 -2.75
CA THR A 463 -4.93 -9.29 -1.55
C THR A 463 -3.59 -8.58 -1.75
N LEU A 464 -3.17 -8.46 -3.01
CA LEU A 464 -1.85 -7.96 -3.44
C LEU A 464 -0.65 -8.84 -3.09
N GLU A 465 -0.90 -10.07 -2.64
CA GLU A 465 0.17 -11.02 -2.30
C GLU A 465 0.95 -11.41 -3.55
N ARG A 466 2.27 -11.53 -3.42
CA ARG A 466 3.16 -12.06 -4.45
C ARG A 466 3.41 -13.56 -4.23
N HIS A 467 3.37 -14.34 -5.32
CA HIS A 467 3.73 -15.77 -5.33
C HIS A 467 4.53 -16.05 -6.61
N PRO A 468 5.83 -16.47 -6.48
CA PRO A 468 6.58 -16.88 -7.69
C PRO A 468 5.93 -18.02 -8.48
N LYS A 469 5.94 -17.91 -9.81
CA LYS A 469 5.46 -18.98 -10.70
C LYS A 469 6.62 -19.92 -11.02
N ALA A 470 6.34 -21.05 -11.67
CA ALA A 470 7.39 -21.97 -12.11
C ALA A 470 8.47 -21.26 -12.95
N SER A 471 8.06 -20.32 -13.80
CA SER A 471 8.99 -19.52 -14.62
C SER A 471 9.99 -18.70 -13.80
N ALA A 472 9.55 -18.19 -12.65
CA ALA A 472 10.46 -17.55 -11.69
C ALA A 472 11.51 -18.54 -11.18
N TYR A 473 11.06 -19.73 -10.80
CA TYR A 473 11.97 -20.79 -10.33
C TYR A 473 12.89 -21.28 -11.44
N TRP A 474 12.38 -21.32 -12.67
CA TRP A 474 13.20 -21.59 -13.84
C TRP A 474 14.35 -20.59 -13.97
N PHE A 475 14.05 -19.30 -13.82
CA PHE A 475 15.09 -18.28 -13.84
C PHE A 475 16.07 -18.43 -12.69
N ARG A 476 15.56 -18.72 -11.50
CA ARG A 476 16.44 -18.94 -10.36
C ARG A 476 17.44 -20.07 -10.62
N ASP A 477 16.96 -21.20 -11.15
CA ASP A 477 17.82 -22.34 -11.47
C ASP A 477 18.84 -21.94 -12.53
N MET A 478 18.35 -21.35 -13.61
CA MET A 478 19.19 -20.97 -14.73
C MET A 478 20.28 -19.95 -14.36
N LEU A 479 19.97 -19.02 -13.45
CA LEU A 479 20.86 -17.87 -13.15
C LEU A 479 21.75 -18.02 -11.91
N LYS A 480 21.75 -19.17 -11.26
CA LYS A 480 22.51 -19.33 -10.01
C LYS A 480 24.02 -19.26 -10.25
N HIS A 481 24.73 -18.58 -9.33
CA HIS A 481 26.19 -18.36 -9.43
C HIS A 481 26.94 -19.56 -8.85
N TRP B 11 -0.23 -27.73 25.77
CA TRP B 11 0.03 -26.39 25.11
C TRP B 11 -1.24 -25.53 25.01
N LEU B 12 -2.39 -26.16 24.75
CA LEU B 12 -3.70 -25.50 24.89
C LEU B 12 -4.14 -25.41 26.36
N GLY B 13 -3.64 -26.31 27.20
CA GLY B 13 -3.94 -26.31 28.64
C GLY B 13 -5.41 -26.64 28.91
N GLY B 14 -5.99 -27.48 28.07
CA GLY B 14 -7.42 -27.82 28.17
C GLY B 14 -8.38 -26.81 27.56
N LEU B 15 -7.87 -25.71 27.00
CA LEU B 15 -8.72 -24.69 26.41
C LEU B 15 -9.13 -25.05 24.99
N SER B 16 -10.37 -24.73 24.68
CA SER B 16 -10.98 -24.97 23.37
C SER B 16 -12.28 -24.19 23.39
N ARG B 17 -13.01 -24.19 22.28
CA ARG B 17 -14.33 -23.56 22.25
C ARG B 17 -15.33 -24.23 23.17
N ALA B 18 -15.21 -25.54 23.37
CA ALA B 18 -16.02 -26.27 24.36
C ALA B 18 -15.79 -25.80 25.82
N ALA B 19 -14.65 -25.18 26.10
CA ALA B 19 -14.34 -24.63 27.44
C ALA B 19 -15.00 -23.29 27.75
N PHE B 20 -15.60 -22.64 26.73
CA PHE B 20 -16.28 -21.35 26.90
C PHE B 20 -17.76 -21.49 26.51
N PRO B 21 -18.62 -20.56 26.97
CA PRO B 21 -20.05 -20.70 26.70
C PRO B 21 -20.40 -20.83 25.21
N LYS B 22 -21.51 -21.49 24.94
CA LYS B 22 -22.05 -21.61 23.59
C LYS B 22 -22.09 -20.23 22.92
N ARG B 23 -21.53 -20.13 21.72
CA ARG B 23 -21.53 -18.88 20.92
C ARG B 23 -20.78 -17.68 21.55
N PHE B 24 -19.81 -17.97 22.42
CA PHE B 24 -18.84 -16.98 22.90
C PHE B 24 -18.05 -16.50 21.68
N VAL B 25 -17.86 -15.18 21.58
CA VAL B 25 -17.20 -14.56 20.43
C VAL B 25 -15.69 -14.41 20.68
N PHE B 26 -14.88 -14.94 19.77
CA PHE B 26 -13.43 -14.74 19.77
C PHE B 26 -12.98 -13.86 18.60
N GLY B 27 -12.22 -12.81 18.87
CA GLY B 27 -11.74 -11.91 17.81
C GLY B 27 -10.34 -11.36 18.01
N THR B 28 -9.89 -10.56 17.06
CA THR B 28 -8.67 -9.76 17.21
C THR B 28 -9.04 -8.28 16.98
N VAL B 29 -8.09 -7.41 17.28
CA VAL B 29 -8.34 -5.98 17.36
C VAL B 29 -7.22 -5.19 16.70
N THR B 30 -7.62 -4.10 16.03
CA THR B 30 -6.72 -3.02 15.62
C THR B 30 -7.43 -1.69 15.89
N SER B 31 -6.73 -0.59 15.61
CA SER B 31 -7.37 0.72 15.53
C SER B 31 -6.88 1.41 14.28
N ALA B 32 -7.65 2.40 13.83
CA ALA B 32 -7.46 2.99 12.52
C ALA B 32 -6.06 3.55 12.30
N TYR B 33 -5.65 4.47 13.15
CA TYR B 33 -4.34 5.11 12.99
C TYR B 33 -3.19 4.13 13.19
N GLN B 34 -3.40 3.11 14.01
CA GLN B 34 -2.35 2.16 14.31
C GLN B 34 -2.05 1.18 13.17
N VAL B 35 -3.02 0.89 12.31
CA VAL B 35 -2.82 -0.08 11.20
C VAL B 35 -3.07 0.39 9.75
N GLU B 36 -3.95 1.38 9.53
CA GLU B 36 -4.43 1.70 8.17
C GLU B 36 -3.36 2.22 7.24
N GLY B 37 -2.55 3.17 7.71
CA GLY B 37 -1.75 3.99 6.81
C GLY B 37 -2.65 4.88 5.97
N MET B 38 -2.12 5.32 4.83
CA MET B 38 -2.76 6.31 3.98
C MET B 38 -3.32 7.46 4.82
N ALA B 39 -2.45 7.98 5.69
CA ALA B 39 -2.85 8.99 6.67
C ALA B 39 -3.20 10.30 6.02
N ALA B 40 -2.44 10.70 4.99
CA ALA B 40 -2.67 11.92 4.23
C ALA B 40 -3.02 11.61 2.77
N SER B 41 -3.70 10.50 2.53
CA SER B 41 -4.14 10.11 1.20
C SER B 41 -5.57 9.62 1.29
N GLY B 42 -6.17 9.33 0.13
CA GLY B 42 -7.54 8.86 0.06
C GLY B 42 -8.55 9.88 0.57
N GLY B 43 -8.19 11.16 0.51
CA GLY B 43 -9.02 12.25 1.04
C GLY B 43 -9.03 12.46 2.55
N ARG B 44 -8.27 11.68 3.32
CA ARG B 44 -8.29 11.79 4.79
C ARG B 44 -7.69 13.10 5.30
N GLY B 45 -8.40 13.74 6.23
CA GLY B 45 -7.88 14.91 6.94
C GLY B 45 -7.02 14.54 8.14
N PRO B 46 -6.16 15.46 8.60
CA PRO B 46 -5.30 15.12 9.75
C PRO B 46 -6.07 15.03 11.09
N SER B 47 -5.71 14.05 11.91
CA SER B 47 -6.14 13.99 13.31
C SER B 47 -5.13 14.70 14.18
N ILE B 48 -5.47 14.89 15.45
CA ILE B 48 -4.51 15.38 16.48
C ILE B 48 -3.24 14.52 16.60
N TRP B 49 -3.37 13.21 16.34
CA TRP B 49 -2.20 12.32 16.33
C TRP B 49 -1.27 12.50 15.12
N ASP B 50 -1.80 12.89 13.97
CA ASP B 50 -0.97 13.22 12.81
C ASP B 50 -0.05 14.41 13.13
N ALA B 51 -0.62 15.48 13.68
CA ALA B 51 0.19 16.66 14.08
C ALA B 51 1.22 16.32 15.16
N PHE B 52 0.79 15.57 16.17
CA PHE B 52 1.65 15.14 17.28
C PHE B 52 2.82 14.28 16.79
N ALA B 53 2.50 13.23 16.02
CA ALA B 53 3.51 12.29 15.50
C ALA B 53 4.53 12.95 14.56
N HIS B 54 4.11 13.98 13.82
CA HIS B 54 5.00 14.71 12.88
C HIS B 54 5.88 15.79 13.53
N THR B 55 5.70 16.05 14.82
CA THR B 55 6.57 16.96 15.55
C THR B 55 7.81 16.18 16.05
N PRO B 56 9.03 16.61 15.68
CA PRO B 56 10.26 15.90 16.11
C PRO B 56 10.33 15.68 17.62
N GLY B 57 10.67 14.47 18.04
CA GLY B 57 10.81 14.12 19.45
C GLY B 57 9.59 13.57 20.16
N ASN B 58 8.40 13.65 19.55
CA ASN B 58 7.20 13.14 20.24
C ASN B 58 7.10 11.61 20.23
N VAL B 59 7.58 10.96 19.18
CA VAL B 59 7.47 9.50 19.07
C VAL B 59 8.86 8.92 18.92
N ALA B 60 9.05 7.70 19.44
CA ALA B 60 10.31 6.96 19.28
C ALA B 60 10.77 6.93 17.81
N GLY B 61 12.04 7.28 17.58
CA GLY B 61 12.61 7.37 16.22
C GLY B 61 11.93 8.35 15.28
N ASN B 62 11.23 9.35 15.83
CA ASN B 62 10.38 10.27 15.04
C ASN B 62 9.41 9.58 14.05
N GLN B 63 8.97 8.37 14.38
CA GLN B 63 8.12 7.60 13.50
C GLN B 63 6.68 8.07 13.62
N ASN B 64 5.87 7.67 12.66
CA ASN B 64 4.45 8.06 12.58
C ASN B 64 3.63 6.96 11.91
N GLY B 65 2.32 7.19 11.79
CA GLY B 65 1.44 6.23 11.13
C GLY B 65 1.06 6.57 9.70
N ASP B 66 1.92 7.29 8.97
CA ASP B 66 1.66 7.59 7.56
C ASP B 66 1.41 6.31 6.77
N VAL B 67 2.25 5.30 6.98
CA VAL B 67 2.13 4.00 6.28
C VAL B 67 1.61 2.92 7.23
N ALA B 68 2.16 2.84 8.43
CA ALA B 68 1.74 1.87 9.43
C ALA B 68 1.87 0.44 8.85
N THR B 69 0.84 -0.41 8.93
CA THR B 69 0.90 -1.75 8.31
C THR B 69 0.36 -1.76 6.89
N ASP B 70 -0.12 -0.59 6.44
CA ASP B 70 -0.77 -0.45 5.13
C ASP B 70 -1.99 -1.36 4.96
N GLN B 71 -2.77 -1.54 6.01
CA GLN B 71 -4.02 -2.33 5.94
C GLN B 71 -5.01 -1.71 4.93
N TYR B 72 -4.93 -0.40 4.71
CA TYR B 72 -5.78 0.29 3.74
C TYR B 72 -5.74 -0.40 2.37
N HIS B 73 -4.55 -0.80 1.94
CA HIS B 73 -4.39 -1.56 0.70
C HIS B 73 -4.45 -3.09 0.88
N ARG B 74 -4.09 -3.62 2.04
CA ARG B 74 -3.93 -5.08 2.20
C ARG B 74 -5.05 -5.76 3.00
N TYR B 75 -6.18 -5.08 3.19
CA TYR B 75 -7.20 -5.55 4.14
C TYR B 75 -7.69 -6.97 3.84
N LYS B 76 -7.79 -7.34 2.57
CA LYS B 76 -8.27 -8.65 2.20
C LYS B 76 -7.28 -9.75 2.61
N GLU B 77 -5.98 -9.46 2.54
CA GLU B 77 -4.95 -10.36 3.08
C GLU B 77 -5.16 -10.59 4.56
N ASP B 78 -5.34 -9.48 5.28
CA ASP B 78 -5.49 -9.54 6.73
C ASP B 78 -6.79 -10.26 7.14
N VAL B 79 -7.88 -10.03 6.43
CA VAL B 79 -9.14 -10.75 6.68
C VAL B 79 -8.99 -12.25 6.40
N ASN B 80 -8.35 -12.62 5.29
CA ASN B 80 -8.11 -14.05 5.00
C ASN B 80 -7.30 -14.70 6.11
N LEU B 81 -6.32 -13.95 6.63
CA LEU B 81 -5.45 -14.45 7.68
C LEU B 81 -6.25 -14.70 8.96
N MET B 82 -7.04 -13.72 9.40
CA MET B 82 -7.87 -13.91 10.59
C MET B 82 -8.88 -15.05 10.45
N LYS B 83 -9.42 -15.26 9.24
CA LYS B 83 -10.31 -16.39 9.00
C LYS B 83 -9.56 -17.72 9.11
N SER B 84 -8.36 -17.80 8.54
CA SER B 84 -7.55 -19.02 8.61
C SER B 84 -7.11 -19.37 10.04
N LEU B 85 -7.09 -18.39 10.95
CA LEU B 85 -6.79 -18.63 12.38
C LEU B 85 -8.04 -18.93 13.24
N ASN B 86 -9.20 -19.06 12.59
CA ASN B 86 -10.47 -19.49 13.21
C ASN B 86 -11.18 -18.47 14.13
N PHE B 87 -10.84 -17.18 14.01
CA PHE B 87 -11.58 -16.12 14.72
C PHE B 87 -12.99 -15.92 14.14
N ASP B 88 -13.90 -15.44 14.98
CA ASP B 88 -15.30 -15.19 14.61
C ASP B 88 -15.56 -13.73 14.32
N ALA B 89 -14.72 -12.84 14.86
CA ALA B 89 -15.01 -11.41 14.84
C ALA B 89 -13.75 -10.57 14.73
N TYR B 90 -13.92 -9.31 14.36
CA TYR B 90 -12.80 -8.38 14.21
C TYR B 90 -13.23 -7.04 14.77
N ARG B 91 -12.46 -6.53 15.73
CA ARG B 91 -12.71 -5.20 16.25
C ARG B 91 -11.75 -4.25 15.56
N PHE B 92 -12.32 -3.25 14.88
CA PHE B 92 -11.54 -2.19 14.25
C PHE B 92 -12.24 -0.86 14.47
N SER B 93 -11.54 0.23 14.18
CA SER B 93 -12.12 1.56 14.34
C SER B 93 -12.24 2.29 13.02
N ILE B 94 -13.18 3.23 12.98
CA ILE B 94 -13.34 4.14 11.87
C ILE B 94 -12.63 5.45 12.23
N SER B 95 -11.77 5.93 11.33
CA SER B 95 -11.15 7.23 11.47
C SER B 95 -12.16 8.35 11.13
N TRP B 96 -12.53 9.13 12.14
CA TRP B 96 -13.45 10.27 11.97
C TRP B 96 -12.99 11.19 10.82
N SER B 97 -11.70 11.51 10.79
CA SER B 97 -11.16 12.41 9.77
C SER B 97 -10.99 11.79 8.37
N ARG B 98 -11.06 10.47 8.25
CA ARG B 98 -11.21 9.81 6.93
C ARG B 98 -12.63 10.01 6.35
N ILE B 99 -13.64 10.09 7.20
CA ILE B 99 -15.04 10.29 6.76
C ILE B 99 -15.32 11.79 6.57
N PHE B 100 -15.00 12.56 7.60
CA PHE B 100 -15.18 14.00 7.61
C PHE B 100 -13.82 14.64 7.83
N PRO B 101 -13.11 15.02 6.75
CA PRO B 101 -11.76 15.61 6.90
C PRO B 101 -11.66 16.80 7.87
N ASP B 102 -12.72 17.60 7.95
CA ASP B 102 -12.78 18.71 8.92
C ASP B 102 -13.61 18.38 10.17
N GLY B 103 -13.98 17.10 10.34
CA GLY B 103 -14.81 16.65 11.45
C GLY B 103 -16.29 16.94 11.36
N GLU B 104 -16.68 17.78 10.39
CA GLU B 104 -18.05 18.24 10.19
C GLU B 104 -18.18 18.72 8.74
N GLY B 105 -19.40 18.82 8.25
CA GLY B 105 -19.63 19.28 6.87
C GLY B 105 -19.39 18.19 5.82
N ARG B 106 -18.36 18.38 5.00
CA ARG B 106 -18.16 17.58 3.76
C ARG B 106 -17.74 16.12 4.03
N VAL B 107 -18.43 15.18 3.37
CA VAL B 107 -18.11 13.75 3.41
C VAL B 107 -17.03 13.44 2.37
N ASN B 108 -15.99 12.71 2.79
CA ASN B 108 -15.01 12.15 1.88
C ASN B 108 -15.53 10.77 1.44
N GLN B 109 -16.05 10.71 0.21
CA GLN B 109 -16.67 9.47 -0.34
C GLN B 109 -15.67 8.32 -0.51
N GLU B 110 -14.43 8.65 -0.82
CA GLU B 110 -13.37 7.65 -0.91
C GLU B 110 -13.14 6.95 0.45
N GLY B 111 -13.26 7.69 1.53
CA GLY B 111 -13.18 7.14 2.88
C GLY B 111 -14.34 6.20 3.16
N VAL B 112 -15.54 6.65 2.79
CA VAL B 112 -16.76 5.84 2.98
C VAL B 112 -16.65 4.51 2.25
N ALA B 113 -16.14 4.55 1.01
CA ALA B 113 -15.97 3.35 0.21
C ALA B 113 -14.99 2.36 0.85
N TYR B 114 -13.89 2.87 1.41
CA TYR B 114 -12.94 1.98 2.09
C TYR B 114 -13.60 1.13 3.18
N TYR B 115 -14.33 1.78 4.09
CA TYR B 115 -14.99 1.07 5.17
C TYR B 115 -16.12 0.17 4.69
N ASN B 116 -16.85 0.63 3.67
CA ASN B 116 -17.82 -0.26 2.99
C ASN B 116 -17.17 -1.55 2.45
N ASN B 117 -16.03 -1.40 1.78
CA ASN B 117 -15.30 -2.56 1.23
C ASN B 117 -14.77 -3.52 2.29
N LEU B 118 -14.20 -2.97 3.36
CA LEU B 118 -13.74 -3.75 4.50
C LEU B 118 -14.87 -4.53 5.19
N ILE B 119 -15.94 -3.81 5.52
CA ILE B 119 -17.13 -4.41 6.15
C ILE B 119 -17.72 -5.50 5.28
N ASN B 120 -17.86 -5.24 3.98
CA ASN B 120 -18.46 -6.20 3.07
C ASN B 120 -17.57 -7.45 2.90
N TYR B 121 -16.25 -7.26 2.85
CA TYR B 121 -15.35 -8.41 2.73
C TYR B 121 -15.39 -9.26 4.00
N LEU B 122 -15.36 -8.60 5.18
CA LEU B 122 -15.48 -9.31 6.46
C LEU B 122 -16.73 -10.19 6.52
N LEU B 123 -17.88 -9.63 6.16
CA LEU B 123 -19.13 -10.40 6.11
C LEU B 123 -19.10 -11.52 5.07
N GLN B 124 -18.48 -11.26 3.92
CA GLN B 124 -18.32 -12.30 2.88
C GLN B 124 -17.50 -13.50 3.40
N LYS B 125 -16.48 -13.22 4.22
CA LYS B 125 -15.66 -14.27 4.83
C LYS B 125 -16.20 -14.82 6.16
N GLY B 126 -17.39 -14.39 6.58
CA GLY B 126 -18.02 -14.88 7.81
C GLY B 126 -17.41 -14.39 9.11
N ILE B 127 -16.84 -13.19 9.09
CA ILE B 127 -16.23 -12.54 10.27
C ILE B 127 -17.11 -11.37 10.70
N THR B 128 -17.50 -11.32 11.98
CA THR B 128 -18.43 -10.31 12.47
C THR B 128 -17.68 -9.00 12.80
N PRO B 129 -18.06 -7.87 12.16
CA PRO B 129 -17.42 -6.60 12.47
C PRO B 129 -17.91 -5.97 13.78
N TYR B 130 -16.98 -5.62 14.66
CA TYR B 130 -17.25 -4.86 15.87
C TYR B 130 -16.59 -3.51 15.68
N VAL B 131 -17.40 -2.46 15.51
CA VAL B 131 -16.85 -1.20 14.98
C VAL B 131 -16.80 -0.11 16.02
N ASN B 132 -15.59 0.40 16.27
CA ASN B 132 -15.38 1.55 17.14
C ASN B 132 -15.43 2.85 16.36
N LEU B 133 -16.16 3.85 16.86
CA LEU B 133 -16.24 5.15 16.17
C LEU B 133 -15.07 6.07 16.46
N TYR B 134 -14.38 5.86 17.58
CA TYR B 134 -13.33 6.77 18.05
C TYR B 134 -12.22 6.03 18.79
N HIS B 135 -10.97 6.26 18.38
CA HIS B 135 -9.82 5.65 19.02
C HIS B 135 -8.65 6.64 18.99
N TYR B 136 -8.74 7.61 19.90
CA TYR B 136 -7.74 8.68 20.10
C TYR B 136 -7.57 9.72 18.97
N ASP B 137 -8.31 9.56 17.87
CA ASP B 137 -7.95 10.23 16.59
C ASP B 137 -8.93 11.36 16.23
N LEU B 138 -9.09 12.30 17.16
CA LEU B 138 -9.93 13.48 16.94
C LEU B 138 -9.44 14.28 15.72
N PRO B 139 -10.36 14.62 14.78
CA PRO B 139 -9.97 15.50 13.68
C PRO B 139 -9.32 16.79 14.16
N LEU B 140 -8.17 17.13 13.58
CA LEU B 140 -7.41 18.30 14.00
C LEU B 140 -8.21 19.60 13.88
N ALA B 141 -9.05 19.67 12.84
CA ALA B 141 -9.93 20.82 12.63
C ALA B 141 -10.87 21.09 13.83
N LEU B 142 -11.38 20.03 14.46
CA LEU B 142 -12.25 20.18 15.64
C LEU B 142 -11.50 20.61 16.88
N GLU B 143 -10.26 20.15 17.03
CA GLU B 143 -9.39 20.61 18.10
C GLU B 143 -9.14 22.13 18.00
N LYS B 144 -8.77 22.60 16.82
CA LYS B 144 -8.46 24.01 16.58
C LYS B 144 -9.70 24.93 16.67
N LYS B 145 -10.83 24.48 16.12
CA LYS B 145 -12.04 25.30 16.07
C LYS B 145 -12.77 25.36 17.41
N TYR B 146 -12.91 24.21 18.07
CA TYR B 146 -13.75 24.08 19.27
C TYR B 146 -12.99 23.86 20.59
N GLY B 147 -11.71 23.51 20.54
CA GLY B 147 -10.96 23.09 21.74
C GLY B 147 -11.19 21.62 22.13
N GLY B 148 -11.64 20.79 21.20
CA GLY B 148 -11.84 19.36 21.42
C GLY B 148 -12.75 19.02 22.60
N TRP B 149 -12.33 18.04 23.39
CA TRP B 149 -13.18 17.47 24.45
C TRP B 149 -13.40 18.36 25.68
N LEU B 150 -12.72 19.51 25.74
CA LEU B 150 -13.06 20.55 26.71
C LEU B 150 -14.38 21.25 26.45
N ASN B 151 -14.86 21.19 25.21
CA ASN B 151 -16.08 21.87 24.79
C ASN B 151 -17.28 20.91 24.77
N ALA B 152 -18.31 21.25 25.53
CA ALA B 152 -19.59 20.50 25.56
C ALA B 152 -20.24 20.29 24.19
N LYS B 153 -19.97 21.19 23.25
CA LYS B 153 -20.42 21.06 21.85
C LYS B 153 -19.98 19.73 21.16
N MET B 154 -18.92 19.08 21.66
CA MET B 154 -18.54 17.74 21.17
C MET B 154 -19.67 16.69 21.19
N ALA B 155 -20.64 16.82 22.10
CA ALA B 155 -21.80 15.92 22.09
C ALA B 155 -22.58 16.02 20.77
N ASP B 156 -22.87 17.24 20.33
CA ASP B 156 -23.50 17.46 19.01
C ASP B 156 -22.62 17.01 17.85
N LEU B 157 -21.34 17.39 17.87
CA LEU B 157 -20.41 17.07 16.79
C LEU B 157 -20.21 15.56 16.66
N PHE B 158 -20.04 14.87 17.80
CA PHE B 158 -19.91 13.43 17.79
C PHE B 158 -21.21 12.74 17.42
N THR B 159 -22.35 13.25 17.90
CA THR B 159 -23.65 12.68 17.57
C THR B 159 -23.92 12.73 16.05
N GLU B 160 -23.58 13.83 15.38
CA GLU B 160 -23.74 13.95 13.92
C GLU B 160 -22.84 13.00 13.14
N TYR B 161 -21.59 12.85 13.58
CA TYR B 161 -20.66 11.86 13.02
C TYR B 161 -21.16 10.41 13.20
N ALA B 162 -21.61 10.08 14.42
CA ALA B 162 -22.17 8.76 14.71
C ALA B 162 -23.43 8.46 13.88
N ASP B 163 -24.33 9.45 13.80
CA ASP B 163 -25.55 9.37 12.97
C ASP B 163 -25.21 9.01 11.53
N PHE B 164 -24.20 9.65 10.95
CA PHE B 164 -23.75 9.32 9.59
C PHE B 164 -23.30 7.86 9.49
N CYS B 165 -22.48 7.44 10.45
CA CYS B 165 -22.01 6.04 10.49
C CYS B 165 -23.15 5.03 10.66
N PHE B 166 -24.12 5.31 11.52
CA PHE B 166 -25.26 4.41 11.69
C PHE B 166 -26.06 4.29 10.40
N LYS B 167 -26.36 5.44 9.79
CA LYS B 167 -27.05 5.51 8.50
C LYS B 167 -26.34 4.71 7.40
N THR B 168 -25.04 4.97 7.25
CA THR B 168 -24.25 4.47 6.12
C THR B 168 -23.86 2.98 6.23
N PHE B 169 -23.53 2.53 7.45
CA PHE B 169 -23.03 1.16 7.68
C PHE B 169 -23.94 0.26 8.53
N GLY B 170 -24.91 0.83 9.23
CA GLY B 170 -25.68 0.10 10.24
C GLY B 170 -26.69 -0.94 9.77
N ASN B 171 -26.96 -1.03 8.47
CA ASN B 171 -27.73 -2.16 7.93
C ASN B 171 -26.90 -3.45 7.93
N ARG B 172 -25.57 -3.32 7.93
CA ARG B 172 -24.64 -4.43 7.98
C ARG B 172 -23.89 -4.57 9.31
N VAL B 173 -23.48 -3.45 9.91
CA VAL B 173 -22.83 -3.46 11.24
C VAL B 173 -23.87 -3.44 12.36
N LYS B 174 -23.79 -4.44 13.24
CA LYS B 174 -24.72 -4.60 14.36
C LYS B 174 -24.06 -4.47 15.73
N HIS B 175 -22.74 -4.28 15.77
CA HIS B 175 -22.00 -4.23 17.01
C HIS B 175 -21.10 -3.01 16.98
N TRP B 176 -21.52 -1.97 17.69
CA TRP B 176 -20.81 -0.70 17.76
C TRP B 176 -20.21 -0.42 19.13
N PHE B 177 -19.11 0.32 19.15
CA PHE B 177 -18.62 1.04 20.32
C PHE B 177 -18.46 2.50 19.94
N THR B 178 -18.72 3.38 20.89
CA THR B 178 -18.53 4.80 20.68
C THR B 178 -17.05 5.15 20.85
N PHE B 179 -16.53 4.96 22.06
CA PHE B 179 -15.18 5.40 22.43
C PHE B 179 -14.32 4.28 22.95
N ASN B 180 -13.01 4.45 22.78
CA ASN B 180 -11.99 3.58 23.35
C ASN B 180 -11.22 4.33 24.45
N GLU B 181 -11.50 3.95 25.69
CA GLU B 181 -10.73 4.37 26.85
C GLU B 181 -10.70 5.87 27.08
N PRO B 182 -11.86 6.50 27.32
CA PRO B 182 -11.84 7.93 27.66
C PRO B 182 -10.99 8.31 28.90
N ARG B 183 -10.77 7.37 29.83
CA ARG B 183 -9.84 7.60 30.97
C ARG B 183 -8.43 7.96 30.51
N ILE B 184 -7.94 7.26 29.48
CA ILE B 184 -6.59 7.45 28.96
C ILE B 184 -6.47 8.80 28.23
N VAL B 185 -7.52 9.17 27.49
CA VAL B 185 -7.56 10.49 26.85
C VAL B 185 -7.44 11.57 27.93
N ALA B 186 -8.26 11.44 28.97
CA ALA B 186 -8.27 12.39 30.09
C ALA B 186 -6.94 12.43 30.86
N LEU B 187 -6.41 11.26 31.20
CA LEU B 187 -5.16 11.17 31.97
C LEU B 187 -3.96 11.67 31.14
N LEU B 188 -3.74 11.07 29.98
CA LEU B 188 -2.53 11.36 29.21
C LEU B 188 -2.60 12.68 28.45
N GLY B 189 -3.80 13.06 28.01
CA GLY B 189 -4.00 14.29 27.26
C GLY B 189 -4.16 15.55 28.10
N TYR B 190 -4.66 15.40 29.32
CA TYR B 190 -5.05 16.56 30.15
C TYR B 190 -4.55 16.58 31.60
N ASP B 191 -3.99 15.49 32.10
CA ASP B 191 -3.43 15.44 33.46
C ASP B 191 -1.91 15.46 33.34
N GLN B 192 -1.34 14.43 32.73
CA GLN B 192 0.10 14.31 32.57
C GLN B 192 0.61 15.12 31.36
N GLY B 193 -0.22 15.25 30.32
CA GLY B 193 0.16 16.01 29.12
C GLY B 193 1.21 15.37 28.22
N THR B 194 1.21 14.04 28.15
CA THR B 194 2.14 13.28 27.30
C THR B 194 1.56 12.86 25.93
N ASN B 195 0.24 12.73 25.83
CA ASN B 195 -0.47 12.46 24.57
C ASN B 195 -1.14 13.75 24.12
N PRO B 196 -1.53 13.82 22.83
CA PRO B 196 -2.26 15.04 22.41
C PRO B 196 -3.59 15.23 23.15
N PRO B 197 -4.00 16.48 23.45
CA PRO B 197 -3.35 17.73 23.01
C PRO B 197 -2.21 18.27 23.90
N LYS B 198 -1.58 17.41 24.72
CA LYS B 198 -0.44 17.78 25.57
C LYS B 198 -0.75 18.90 26.55
N ARG B 199 -1.87 18.76 27.25
CA ARG B 199 -2.28 19.75 28.23
C ARG B 199 -2.04 19.24 29.63
N CYS B 200 -1.60 20.16 30.51
CA CYS B 200 -1.41 19.92 31.93
C CYS B 200 -1.12 21.27 32.61
N THR B 201 -0.98 21.26 33.93
CA THR B 201 -0.68 22.48 34.66
C THR B 201 0.66 23.08 34.20
N LYS B 202 1.70 22.27 34.08
CA LYS B 202 3.03 22.77 33.66
C LYS B 202 3.11 23.16 32.16
N CYS B 203 2.25 22.56 31.32
CA CYS B 203 2.57 22.38 29.90
C CYS B 203 2.57 23.64 29.04
N ALA B 204 3.41 23.61 28.00
CA ALA B 204 3.53 24.72 27.05
C ALA B 204 2.21 25.07 26.35
N ALA B 205 1.42 24.05 26.01
CA ALA B 205 0.10 24.27 25.40
C ALA B 205 -0.98 24.82 26.36
N GLY B 206 -0.66 24.94 27.65
CA GLY B 206 -1.63 25.37 28.66
C GLY B 206 -2.25 24.16 29.35
N GLY B 207 -3.20 24.42 30.25
CA GLY B 207 -3.97 23.38 30.93
C GLY B 207 -4.07 23.53 32.44
N ASN B 208 -4.68 22.52 33.05
CA ASN B 208 -4.87 22.48 34.50
C ASN B 208 -5.21 21.03 34.83
N SER B 209 -4.23 20.35 35.43
CA SER B 209 -4.34 18.92 35.70
C SER B 209 -5.41 18.55 36.74
N ALA B 210 -5.82 19.52 37.57
CA ALA B 210 -6.86 19.30 38.59
C ALA B 210 -8.30 19.39 38.08
N THR B 211 -8.53 20.11 36.97
CA THR B 211 -9.88 20.40 36.46
C THR B 211 -10.21 19.75 35.10
N GLU B 212 -9.29 19.88 34.14
CA GLU B 212 -9.56 19.48 32.76
C GLU B 212 -9.83 17.98 32.56
N PRO B 213 -9.12 17.09 33.30
CA PRO B 213 -9.46 15.66 33.17
C PRO B 213 -10.92 15.32 33.47
N TYR B 214 -11.52 16.02 34.43
CA TYR B 214 -12.91 15.80 34.81
C TYR B 214 -13.89 16.41 33.81
N ILE B 215 -13.53 17.55 33.23
CA ILE B 215 -14.34 18.15 32.16
C ILE B 215 -14.39 17.22 30.95
N VAL B 216 -13.22 16.75 30.52
CA VAL B 216 -13.06 15.86 29.37
C VAL B 216 -13.86 14.56 29.55
N ALA B 217 -13.77 13.95 30.72
CA ALA B 217 -14.47 12.68 30.98
C ALA B 217 -15.98 12.86 30.97
N HIS B 218 -16.44 13.98 31.53
CA HIS B 218 -17.86 14.33 31.55
C HIS B 218 -18.40 14.46 30.13
N ASN B 219 -17.64 15.13 29.27
CA ASN B 219 -18.02 15.31 27.88
C ASN B 219 -17.99 14.02 27.06
N PHE B 220 -17.07 13.10 27.36
CA PHE B 220 -17.12 11.77 26.75
C PHE B 220 -18.42 11.02 27.11
N LEU B 221 -18.81 11.11 28.38
CA LEU B 221 -20.03 10.48 28.86
C LEU B 221 -21.31 11.07 28.24
N LEU B 222 -21.40 12.40 28.20
CA LEU B 222 -22.53 13.09 27.56
C LEU B 222 -22.58 12.80 26.07
N SER B 223 -21.43 12.77 25.42
CA SER B 223 -21.31 12.46 23.99
C SER B 223 -21.75 11.04 23.69
N HIS B 224 -21.29 10.09 24.52
CA HIS B 224 -21.73 8.68 24.38
C HIS B 224 -23.26 8.57 24.51
N ALA B 225 -23.79 9.19 25.56
CA ALA B 225 -25.23 9.14 25.84
C ALA B 225 -26.08 9.74 24.71
N ALA B 226 -25.63 10.88 24.16
CA ALA B 226 -26.33 11.54 23.06
C ALA B 226 -26.30 10.71 21.79
N ALA B 227 -25.16 10.07 21.50
CA ALA B 227 -25.03 9.21 20.30
C ALA B 227 -25.90 7.96 20.39
N VAL B 228 -25.98 7.39 21.59
CA VAL B 228 -26.80 6.21 21.83
C VAL B 228 -28.28 6.56 21.78
N ALA B 229 -28.66 7.71 22.36
CA ALA B 229 -30.05 8.17 22.25
C ALA B 229 -30.44 8.33 20.77
N ARG B 230 -29.55 8.89 19.96
CA ARG B 230 -29.78 9.02 18.51
C ARG B 230 -29.96 7.66 17.86
N TYR B 231 -29.07 6.73 18.18
CA TYR B 231 -29.17 5.36 17.69
C TYR B 231 -30.52 4.72 18.05
N ARG B 232 -30.92 4.85 19.31
CA ARG B 232 -32.15 4.20 19.79
C ARG B 232 -33.43 4.80 19.24
N THR B 233 -33.48 6.12 19.07
CA THR B 233 -34.68 6.79 18.58
C THR B 233 -34.87 6.74 17.06
N LYS B 234 -33.78 6.64 16.30
CA LYS B 234 -33.83 6.77 14.83
C LYS B 234 -33.47 5.50 14.04
N TYR B 235 -32.58 4.65 14.56
CA TYR B 235 -32.00 3.53 13.79
C TYR B 235 -32.25 2.12 14.32
N GLN B 236 -32.40 1.98 15.64
CA GLN B 236 -32.43 0.65 16.27
C GLN B 236 -33.63 -0.22 15.83
N ALA B 237 -34.79 0.39 15.63
CA ALA B 237 -35.99 -0.36 15.25
C ALA B 237 -35.77 -1.13 13.95
N ALA B 238 -35.21 -0.45 12.95
CA ALA B 238 -34.92 -1.05 11.66
C ALA B 238 -33.64 -1.91 11.70
N GLN B 239 -32.57 -1.42 12.32
CA GLN B 239 -31.24 -2.06 12.22
C GLN B 239 -31.00 -3.17 13.24
N GLN B 240 -31.58 -3.05 14.42
CA GLN B 240 -31.53 -4.10 15.47
C GLN B 240 -30.10 -4.45 15.91
N GLY B 241 -29.25 -3.42 15.99
CA GLY B 241 -27.89 -3.57 16.48
C GLY B 241 -27.76 -3.11 17.91
N LYS B 242 -26.51 -2.98 18.35
CA LYS B 242 -26.17 -2.63 19.73
C LYS B 242 -25.03 -1.63 19.73
N VAL B 243 -24.97 -0.82 20.80
CA VAL B 243 -23.90 0.16 20.98
C VAL B 243 -23.39 0.08 22.42
N GLY B 244 -22.09 -0.04 22.57
CA GLY B 244 -21.43 -0.06 23.87
C GLY B 244 -20.31 0.97 23.92
N ILE B 245 -19.45 0.81 24.92
CA ILE B 245 -18.31 1.68 25.12
C ILE B 245 -17.16 0.84 25.67
N VAL B 246 -15.93 1.24 25.36
CA VAL B 246 -14.75 0.51 25.78
C VAL B 246 -14.06 1.32 26.88
N LEU B 247 -13.85 0.66 28.02
CA LEU B 247 -13.21 1.28 29.18
C LEU B 247 -12.00 0.45 29.58
N ASP B 248 -10.90 1.12 29.95
CA ASP B 248 -9.73 0.41 30.46
C ASP B 248 -9.91 0.05 31.93
N PHE B 249 -9.43 -1.13 32.31
CA PHE B 249 -9.49 -1.53 33.70
C PHE B 249 -8.31 -2.43 33.99
N ASN B 250 -7.37 -1.90 34.75
CA ASN B 250 -6.31 -2.72 35.31
C ASN B 250 -6.65 -2.99 36.79
N TRP B 251 -6.33 -4.19 37.26
CA TRP B 251 -6.73 -4.61 38.60
C TRP B 251 -5.88 -3.96 39.68
N TYR B 252 -6.50 -3.64 40.81
CA TYR B 252 -5.84 -3.13 42.00
C TYR B 252 -6.12 -4.05 43.16
N GLU B 253 -5.06 -4.54 43.78
CA GLU B 253 -5.11 -5.47 44.89
C GLU B 253 -4.51 -4.76 46.10
N ALA B 254 -5.21 -4.81 47.24
CA ALA B 254 -4.66 -4.29 48.48
C ALA B 254 -3.34 -5.01 48.83
N LEU B 255 -2.32 -4.25 49.21
CA LEU B 255 -1.03 -4.82 49.58
C LEU B 255 -1.13 -5.74 50.81
N SER B 256 -2.01 -5.37 51.74
CA SER B 256 -2.31 -6.18 52.93
C SER B 256 -3.81 -6.08 53.23
N ASN B 257 -4.25 -6.83 54.25
CA ASN B 257 -5.68 -6.85 54.65
C ASN B 257 -6.09 -5.72 55.62
N SER B 258 -5.20 -4.77 55.88
CA SER B 258 -5.56 -3.64 56.73
C SER B 258 -6.70 -2.81 56.12
N THR B 259 -7.46 -2.16 57.00
CA THR B 259 -8.52 -1.22 56.59
C THR B 259 -7.97 -0.14 55.64
N GLU B 260 -6.76 0.32 55.92
CA GLU B 260 -6.12 1.38 55.13
C GLU B 260 -5.79 0.92 53.70
N ASP B 261 -5.18 -0.25 53.57
CA ASP B 261 -4.81 -0.78 52.25
C ASP B 261 -6.01 -1.28 51.43
N GLN B 262 -6.99 -1.89 52.10
CA GLN B 262 -8.23 -2.30 51.43
C GLN B 262 -9.01 -1.09 50.90
N ALA B 263 -9.03 0.01 51.65
CA ALA B 263 -9.72 1.22 51.23
C ALA B 263 -9.00 1.93 50.08
N ALA B 264 -7.66 1.89 50.08
CA ALA B 264 -6.83 2.41 48.98
C ALA B 264 -7.06 1.70 47.64
N ALA B 265 -7.08 0.37 47.68
CA ALA B 265 -7.37 -0.44 46.51
C ALA B 265 -8.76 -0.12 45.94
N GLN B 266 -9.75 0.05 46.82
CA GLN B 266 -11.13 0.37 46.41
C GLN B 266 -11.28 1.80 45.88
N ARG B 267 -10.53 2.76 46.43
CA ARG B 267 -10.49 4.12 45.85
C ARG B 267 -9.93 4.09 44.45
N ALA B 268 -8.86 3.32 44.25
CA ALA B 268 -8.24 3.19 42.94
C ALA B 268 -9.21 2.62 41.92
N ARG B 269 -9.92 1.55 42.28
CA ARG B 269 -10.97 0.98 41.43
C ARG B 269 -12.03 2.01 41.06
N ASP B 270 -12.48 2.78 42.05
CA ASP B 270 -13.51 3.82 41.83
C ASP B 270 -13.04 4.97 40.94
N PHE B 271 -11.82 5.46 41.16
CA PHE B 271 -11.22 6.49 40.30
C PHE B 271 -10.86 6.00 38.87
N HIS B 272 -10.58 4.70 38.72
CA HIS B 272 -10.18 4.12 37.44
C HIS B 272 -11.41 3.72 36.61
N ILE B 273 -12.22 2.81 37.13
CA ILE B 273 -13.34 2.23 36.39
C ILE B 273 -14.69 2.78 36.84
N GLY B 274 -14.87 2.97 38.14
CA GLY B 274 -16.08 3.58 38.68
C GLY B 274 -16.40 4.95 38.09
N TRP B 275 -15.36 5.72 37.77
CA TRP B 275 -15.47 7.04 37.13
C TRP B 275 -16.48 7.04 35.96
N TYR B 276 -16.43 5.99 35.14
CA TYR B 276 -17.35 5.80 34.01
C TYR B 276 -18.47 4.80 34.27
N LEU B 277 -18.19 3.72 34.99
CA LEU B 277 -19.18 2.67 35.21
C LEU B 277 -20.32 3.05 36.12
N ASP B 278 -20.03 3.82 37.17
CA ASP B 278 -21.11 4.27 38.05
C ASP B 278 -22.12 5.16 37.30
N PRO B 279 -21.64 6.12 36.48
CA PRO B 279 -22.61 6.84 35.63
C PRO B 279 -23.37 5.92 34.66
N LEU B 280 -22.66 5.04 33.93
CA LEU B 280 -23.30 4.18 32.92
C LEU B 280 -24.29 3.15 33.48
N ILE B 281 -24.03 2.65 34.69
CA ILE B 281 -24.88 1.64 35.33
C ILE B 281 -25.87 2.24 36.35
N ASN B 282 -25.38 3.13 37.22
CA ASN B 282 -26.16 3.67 38.35
C ASN B 282 -26.55 5.15 38.25
N GLY B 283 -26.10 5.86 37.22
CA GLY B 283 -26.54 7.23 36.96
C GLY B 283 -25.94 8.29 37.85
N HIS B 284 -24.75 8.03 38.42
CA HIS B 284 -24.02 9.03 39.20
C HIS B 284 -22.54 8.71 39.27
N TYR B 285 -21.70 9.69 39.56
CA TYR B 285 -20.29 9.43 39.80
C TYR B 285 -20.12 8.69 41.13
N PRO B 286 -19.00 7.95 41.28
CA PRO B 286 -18.75 7.29 42.56
C PRO B 286 -18.77 8.28 43.73
N GLN B 287 -19.30 7.84 44.87
CA GLN B 287 -19.41 8.69 46.06
C GLN B 287 -18.05 9.25 46.50
N ILE B 288 -17.03 8.40 46.55
CA ILE B 288 -15.69 8.84 46.94
C ILE B 288 -15.11 9.95 46.02
N MET B 289 -15.45 9.90 44.73
CA MET B 289 -15.04 10.96 43.81
C MET B 289 -15.78 12.26 44.11
N GLN B 290 -17.09 12.17 44.37
CA GLN B 290 -17.87 13.33 44.85
C GLN B 290 -17.30 13.92 46.16
N ASP B 291 -16.91 13.07 47.10
CA ASP B 291 -16.35 13.51 48.38
C ASP B 291 -14.96 14.17 48.27
N LEU B 292 -14.09 13.62 47.42
CA LEU B 292 -12.70 14.09 47.34
C LEU B 292 -12.47 15.18 46.29
N VAL B 293 -13.15 15.08 45.14
CA VAL B 293 -12.95 16.00 44.02
C VAL B 293 -13.86 17.23 44.16
N LYS B 294 -15.08 17.02 44.69
CA LYS B 294 -16.01 18.10 45.06
C LYS B 294 -16.46 18.91 43.84
N ASP B 295 -16.30 20.25 43.84
CA ASP B 295 -16.80 21.08 42.74
C ASP B 295 -15.92 21.10 41.49
N ARG B 296 -14.75 20.45 41.54
CA ARG B 296 -13.99 20.12 40.31
C ARG B 296 -14.64 18.97 39.50
N LEU B 297 -15.54 18.20 40.11
CA LEU B 297 -16.27 17.15 39.42
C LEU B 297 -17.62 17.71 38.91
N PRO B 298 -17.80 17.78 37.58
CA PRO B 298 -19.09 18.28 37.10
C PRO B 298 -20.29 17.46 37.60
N LYS B 299 -21.46 18.09 37.64
CA LYS B 299 -22.69 17.47 38.11
C LYS B 299 -23.61 17.19 36.93
N PHE B 300 -24.04 15.94 36.80
CA PHE B 300 -25.09 15.59 35.85
C PHE B 300 -26.39 16.15 36.40
N THR B 301 -27.19 16.78 35.54
CA THR B 301 -28.57 17.10 35.90
C THR B 301 -29.34 15.78 35.96
N PRO B 302 -30.52 15.78 36.60
CA PRO B 302 -31.31 14.55 36.58
C PRO B 302 -31.56 13.98 35.17
N GLU B 303 -31.82 14.85 34.19
CA GLU B 303 -32.13 14.45 32.83
C GLU B 303 -30.90 13.84 32.13
N GLN B 304 -29.74 14.46 32.33
CA GLN B 304 -28.48 13.94 31.81
C GLN B 304 -28.13 12.59 32.44
N ALA B 305 -28.24 12.50 33.75
CA ALA B 305 -28.02 11.24 34.47
C ALA B 305 -28.91 10.10 33.93
N ARG B 306 -30.20 10.39 33.73
CA ARG B 306 -31.15 9.41 33.17
C ARG B 306 -30.81 9.01 31.71
N LEU B 307 -30.22 9.93 30.94
CA LEU B 307 -29.77 9.63 29.58
C LEU B 307 -28.49 8.76 29.57
N VAL B 308 -27.57 9.06 30.49
CA VAL B 308 -26.32 8.31 30.63
C VAL B 308 -26.53 6.90 31.22
N LYS B 309 -27.37 6.80 32.25
CA LYS B 309 -27.71 5.52 32.90
C LYS B 309 -28.34 4.54 31.90
N GLY B 310 -27.77 3.35 31.79
CA GLY B 310 -28.26 2.31 30.87
C GLY B 310 -28.02 2.57 29.39
N SER B 311 -27.10 3.47 29.06
CA SER B 311 -26.82 3.81 27.66
C SER B 311 -25.75 2.94 27.00
N ALA B 312 -25.24 1.92 27.68
CA ALA B 312 -24.33 0.95 27.06
C ALA B 312 -25.02 -0.43 27.07
N ASP B 313 -25.18 -1.00 25.89
CA ASP B 313 -25.78 -2.34 25.75
C ASP B 313 -24.81 -3.44 26.23
N TYR B 314 -23.52 -3.14 26.19
CA TYR B 314 -22.48 -3.97 26.79
C TYR B 314 -21.32 -3.06 27.09
N ILE B 315 -20.46 -3.53 27.99
CA ILE B 315 -19.27 -2.81 28.42
C ILE B 315 -18.05 -3.52 27.86
N GLY B 316 -17.26 -2.79 27.08
CA GLY B 316 -15.98 -3.29 26.63
C GLY B 316 -14.94 -3.04 27.71
N ILE B 317 -14.19 -4.06 28.07
CA ILE B 317 -13.10 -3.95 29.03
C ILE B 317 -11.77 -4.30 28.38
N ASN B 318 -10.85 -3.32 28.36
CA ASN B 318 -9.46 -3.56 27.99
C ASN B 318 -8.69 -3.90 29.28
N GLN B 319 -8.29 -5.17 29.39
CA GLN B 319 -7.66 -5.70 30.62
C GLN B 319 -6.26 -6.19 30.26
N TYR B 320 -5.25 -5.60 30.91
CA TYR B 320 -3.86 -5.97 30.66
C TYR B 320 -3.07 -6.44 31.89
N THR B 321 -3.19 -5.73 33.00
CA THR B 321 -2.22 -5.86 34.09
C THR B 321 -2.86 -5.59 35.46
N ALA B 322 -2.04 -5.62 36.52
CA ALA B 322 -2.51 -5.39 37.89
C ALA B 322 -1.43 -4.73 38.74
N SER B 323 -1.86 -4.12 39.84
CA SER B 323 -0.96 -3.44 40.79
C SER B 323 -1.40 -3.69 42.23
N TYR B 324 -0.42 -3.72 43.13
CA TYR B 324 -0.70 -3.65 44.56
C TYR B 324 -0.93 -2.18 44.92
N MET B 325 -1.88 -1.93 45.82
CA MET B 325 -2.18 -0.59 46.32
C MET B 325 -2.02 -0.53 47.84
N LYS B 326 -1.39 0.55 48.28
CA LYS B 326 -1.08 0.81 49.68
C LYS B 326 -1.78 2.12 50.06
N GLY B 327 -2.28 2.17 51.29
CA GLY B 327 -3.07 3.30 51.75
C GLY B 327 -2.40 4.19 52.76
N GLN B 328 -3.21 5.05 53.35
CA GLN B 328 -2.77 6.09 54.28
C GLN B 328 -4.03 6.75 54.85
N GLN B 329 -3.86 7.66 55.80
CA GLN B 329 -4.97 8.47 56.31
C GLN B 329 -5.38 9.46 55.21
N LEU B 330 -6.69 9.59 54.96
CA LEU B 330 -7.20 10.59 53.99
C LEU B 330 -6.98 12.03 54.51
N MET B 331 -6.26 12.83 53.72
CA MET B 331 -5.86 14.20 54.10
C MET B 331 -6.65 15.25 53.33
N GLN B 332 -6.85 16.40 53.97
CA GLN B 332 -7.21 17.61 53.27
C GLN B 332 -5.95 18.06 52.51
N GLN B 333 -6.08 18.30 51.20
CA GLN B 333 -4.96 18.68 50.35
C GLN B 333 -5.38 19.71 49.32
N THR B 334 -4.45 20.59 48.96
CA THR B 334 -4.62 21.49 47.81
C THR B 334 -4.73 20.62 46.54
N PRO B 335 -5.76 20.86 45.70
CA PRO B 335 -5.87 20.08 44.46
C PRO B 335 -4.68 20.28 43.50
N THR B 336 -4.05 19.19 43.04
CA THR B 336 -3.00 19.28 42.01
C THR B 336 -3.29 18.50 40.71
N SER B 337 -3.89 17.31 40.81
CA SER B 337 -4.18 16.48 39.63
C SER B 337 -5.19 15.38 39.89
N TYR B 338 -5.81 14.91 38.81
CA TYR B 338 -6.64 13.70 38.85
C TYR B 338 -5.89 12.54 39.52
N SER B 339 -4.63 12.33 39.15
CA SER B 339 -3.81 11.24 39.71
C SER B 339 -3.55 11.36 41.21
N ALA B 340 -3.24 12.58 41.67
CA ALA B 340 -3.06 12.86 43.11
C ALA B 340 -4.35 12.80 43.95
N ASP B 341 -5.51 13.08 43.33
CA ASP B 341 -6.81 12.97 44.02
C ASP B 341 -7.12 11.59 44.62
N TRP B 342 -6.53 10.51 44.11
CA TRP B 342 -6.86 9.15 44.58
C TRP B 342 -6.35 8.91 45.99
N GLN B 343 -5.22 9.55 46.33
CA GLN B 343 -4.51 9.39 47.60
C GLN B 343 -4.15 7.92 47.87
N VAL B 344 -3.37 7.38 46.94
CA VAL B 344 -2.88 6.01 47.02
C VAL B 344 -1.41 5.96 46.62
N THR B 345 -0.76 4.87 47.02
CA THR B 345 0.64 4.63 46.71
C THR B 345 0.69 3.32 45.92
N TYR B 346 1.26 3.38 44.71
CA TYR B 346 1.44 2.19 43.88
C TYR B 346 2.62 1.38 44.46
N VAL B 347 2.45 0.06 44.46
CA VAL B 347 3.48 -0.88 44.90
C VAL B 347 3.48 -2.04 43.91
N PHE B 348 4.66 -2.48 43.48
CA PHE B 348 4.77 -3.56 42.49
C PHE B 348 5.42 -4.84 43.03
N ALA B 349 5.58 -4.94 44.35
CA ALA B 349 6.03 -6.16 45.01
C ALA B 349 5.33 -6.42 46.36
N LYS B 350 5.20 -7.69 46.70
CA LYS B 350 4.63 -8.12 47.97
C LYS B 350 5.45 -9.31 48.48
N ASN B 351 5.74 -9.31 49.78
CA ASN B 351 6.55 -10.36 50.42
C ASN B 351 7.87 -10.64 49.65
N GLY B 352 8.52 -9.57 49.20
CA GLY B 352 9.78 -9.66 48.48
C GLY B 352 9.74 -10.17 47.05
N LYS B 353 8.55 -10.42 46.51
CA LYS B 353 8.38 -10.96 45.14
C LYS B 353 7.63 -9.93 44.28
N PRO B 354 8.07 -9.72 43.02
CA PRO B 354 7.27 -8.83 42.16
C PRO B 354 5.89 -9.43 41.85
N ILE B 355 4.90 -8.57 41.58
CA ILE B 355 3.56 -8.99 41.19
C ILE B 355 3.56 -9.88 39.93
N GLY B 356 4.51 -9.61 39.04
CA GLY B 356 4.76 -10.44 37.86
C GLY B 356 5.93 -9.88 37.07
N PRO B 357 6.40 -10.64 36.06
CA PRO B 357 7.43 -10.12 35.16
C PRO B 357 6.82 -9.09 34.18
N GLN B 358 7.67 -8.23 33.65
CA GLN B 358 7.23 -7.21 32.71
C GLN B 358 7.39 -7.68 31.27
N ALA B 359 6.45 -7.27 30.41
CA ALA B 359 6.62 -7.42 28.97
C ALA B 359 7.56 -6.30 28.53
N ASN B 360 7.63 -6.01 27.24
CA ASN B 360 8.46 -4.92 26.78
C ASN B 360 8.02 -3.55 27.36
N SER B 361 6.71 -3.30 27.43
CA SER B 361 6.19 -2.03 27.95
C SER B 361 6.35 -2.00 29.46
N ASN B 362 6.95 -0.93 29.99
CA ASN B 362 7.29 -0.87 31.43
C ASN B 362 6.07 -0.98 32.33
N TRP B 363 4.93 -0.47 31.85
CA TRP B 363 3.67 -0.57 32.58
C TRP B 363 3.01 -1.97 32.57
N LEU B 364 3.40 -2.84 31.64
CA LEU B 364 2.70 -4.11 31.47
C LEU B 364 3.31 -5.23 32.34
N TYR B 365 2.74 -5.44 33.51
CA TYR B 365 3.12 -6.55 34.39
C TYR B 365 2.24 -7.75 34.07
N ILE B 366 2.87 -8.89 33.82
CA ILE B 366 2.14 -10.10 33.41
C ILE B 366 1.54 -10.72 34.67
N VAL B 367 0.25 -10.50 34.87
CA VAL B 367 -0.47 -10.89 36.09
C VAL B 367 -1.82 -11.48 35.69
N PRO B 368 -1.86 -12.78 35.35
CA PRO B 368 -3.08 -13.41 34.85
C PRO B 368 -4.28 -13.31 35.78
N TRP B 369 -4.05 -13.43 37.09
CA TRP B 369 -5.13 -13.36 38.09
C TRP B 369 -5.83 -11.99 38.15
N GLY B 370 -5.19 -10.94 37.62
CA GLY B 370 -5.85 -9.65 37.44
C GLY B 370 -7.05 -9.69 36.51
N MET B 371 -7.04 -10.59 35.53
CA MET B 371 -8.17 -10.78 34.63
C MET B 371 -9.37 -11.27 35.43
N TYR B 372 -9.16 -12.27 36.27
CA TYR B 372 -10.19 -12.76 37.20
C TYR B 372 -10.64 -11.66 38.13
N GLY B 373 -9.68 -10.96 38.74
CA GLY B 373 -9.97 -9.83 39.62
C GLY B 373 -10.96 -8.83 39.03
N CYS B 374 -10.64 -8.31 37.83
CA CYS B 374 -11.48 -7.30 37.16
C CYS B 374 -12.88 -7.80 36.80
N VAL B 375 -12.95 -8.99 36.21
CA VAL B 375 -14.21 -9.55 35.74
C VAL B 375 -15.12 -9.90 36.92
N ASN B 376 -14.54 -10.51 37.95
CA ASN B 376 -15.29 -10.84 39.16
C ASN B 376 -15.80 -9.59 39.89
N TYR B 377 -14.97 -8.55 39.94
CA TYR B 377 -15.36 -7.29 40.58
C TYR B 377 -16.57 -6.63 39.90
N ILE B 378 -16.51 -6.56 38.57
CA ILE B 378 -17.61 -5.98 37.80
C ILE B 378 -18.89 -6.81 37.95
N LYS B 379 -18.75 -8.12 37.94
CA LYS B 379 -19.86 -9.04 38.21
C LYS B 379 -20.53 -8.73 39.55
N GLN B 380 -19.75 -8.75 40.62
CA GLN B 380 -20.26 -8.59 41.99
C GLN B 380 -20.76 -7.18 42.34
N LYS B 381 -20.19 -6.14 41.72
CA LYS B 381 -20.48 -4.76 42.09
C LYS B 381 -21.53 -4.07 41.25
N TYR B 382 -21.57 -4.35 39.94
CA TYR B 382 -22.42 -3.61 39.00
C TYR B 382 -23.62 -4.39 38.44
N GLY B 383 -24.09 -5.41 39.17
CA GLY B 383 -25.25 -6.21 38.73
C GLY B 383 -24.97 -7.14 37.56
N ASN B 384 -23.72 -7.56 37.41
CA ASN B 384 -23.31 -8.51 36.36
C ASN B 384 -23.74 -8.08 34.94
N PRO B 385 -23.33 -6.88 34.51
CA PRO B 385 -23.66 -6.43 33.15
C PRO B 385 -22.93 -7.24 32.08
N THR B 386 -23.43 -7.21 30.85
CA THR B 386 -22.78 -7.89 29.75
C THR B 386 -21.44 -7.20 29.52
N VAL B 387 -20.38 -7.99 29.61
CA VAL B 387 -19.01 -7.53 29.44
C VAL B 387 -18.42 -8.19 28.19
N VAL B 388 -17.61 -7.43 27.46
CA VAL B 388 -16.76 -7.98 26.40
C VAL B 388 -15.32 -7.62 26.74
N ILE B 389 -14.42 -8.60 26.75
CA ILE B 389 -13.00 -8.29 26.87
C ILE B 389 -12.56 -7.79 25.49
N THR B 390 -12.42 -6.47 25.36
CA THR B 390 -12.21 -5.85 24.06
C THR B 390 -10.73 -5.71 23.68
N GLU B 391 -9.82 -5.87 24.66
CA GLU B 391 -8.37 -6.00 24.42
C GLU B 391 -7.68 -6.76 25.54
N ASN B 392 -6.71 -7.57 25.15
CA ASN B 392 -5.81 -8.24 26.08
C ASN B 392 -4.63 -8.70 25.27
N GLY B 393 -3.42 -8.42 25.75
CA GLY B 393 -2.22 -8.80 24.99
C GLY B 393 -0.94 -8.33 25.63
N MET B 394 0.18 -8.63 24.99
CA MET B 394 1.49 -8.22 25.52
C MET B 394 2.47 -8.00 24.38
N ASP B 395 3.56 -7.28 24.65
CA ASP B 395 4.50 -6.88 23.60
C ASP B 395 5.91 -7.44 23.76
N GLN B 396 6.55 -7.64 22.60
CA GLN B 396 7.97 -7.97 22.47
C GLN B 396 8.73 -6.68 22.13
N PRO B 397 10.05 -6.65 22.41
CA PRO B 397 10.84 -5.45 22.10
C PRO B 397 11.25 -5.35 20.63
N ALA B 398 11.89 -4.23 20.29
CA ALA B 398 12.42 -3.98 18.95
C ALA B 398 13.67 -4.82 18.67
N ASN B 399 14.13 -4.77 17.42
CA ASN B 399 15.45 -5.28 17.01
C ASN B 399 15.69 -6.80 17.13
N LEU B 400 14.63 -7.60 17.30
CA LEU B 400 14.78 -9.06 17.24
C LEU B 400 14.81 -9.55 15.78
N SER B 401 15.34 -10.74 15.56
CA SER B 401 15.24 -11.40 14.26
C SER B 401 13.81 -11.82 14.01
N ARG B 402 13.46 -12.02 12.73
CA ARG B 402 12.14 -12.52 12.35
C ARG B 402 11.80 -13.78 13.17
N ASP B 403 12.70 -14.75 13.14
CA ASP B 403 12.46 -16.03 13.81
C ASP B 403 12.35 -15.92 15.34
N GLN B 404 13.03 -14.94 15.93
CA GLN B 404 12.81 -14.60 17.34
C GLN B 404 11.40 -14.07 17.58
N TYR B 405 10.90 -13.21 16.69
CA TYR B 405 9.53 -12.70 16.80
C TYR B 405 8.53 -13.83 16.68
N LEU B 406 8.77 -14.76 15.76
CA LEU B 406 7.85 -15.86 15.50
C LEU B 406 7.77 -16.90 16.63
N ARG B 407 8.88 -17.13 17.33
CA ARG B 407 8.90 -18.05 18.49
C ARG B 407 8.49 -17.32 19.78
N ASP B 408 7.25 -16.83 19.81
CA ASP B 408 6.78 -15.97 20.92
C ASP B 408 6.16 -16.78 22.06
N THR B 409 6.99 -17.63 22.67
CA THR B 409 6.55 -18.55 23.71
C THR B 409 5.98 -17.82 24.95
N THR B 410 6.50 -16.64 25.26
CA THR B 410 5.96 -15.81 26.36
C THR B 410 4.50 -15.38 26.10
N ARG B 411 4.20 -14.99 24.87
CA ARG B 411 2.84 -14.59 24.48
C ARG B 411 1.88 -15.79 24.47
N VAL B 412 2.36 -16.95 24.04
CA VAL B 412 1.58 -18.20 24.15
C VAL B 412 1.16 -18.45 25.61
N HIS B 413 2.16 -18.43 26.49
CA HIS B 413 1.94 -18.53 27.95
C HIS B 413 1.00 -17.42 28.51
N PHE B 414 1.17 -16.18 28.04
CA PHE B 414 0.32 -15.07 28.45
C PHE B 414 -1.16 -15.39 28.17
N TYR B 415 -1.47 -15.78 26.95
CA TYR B 415 -2.87 -16.04 26.56
C TYR B 415 -3.46 -17.29 27.22
N ARG B 416 -2.68 -18.36 27.35
CA ARG B 416 -3.16 -19.56 28.05
C ARG B 416 -3.55 -19.23 29.49
N SER B 417 -2.67 -18.53 30.20
CA SER B 417 -2.90 -18.14 31.59
C SER B 417 -4.06 -17.16 31.75
N TYR B 418 -4.07 -16.07 30.98
CA TYR B 418 -5.13 -15.05 31.11
C TYR B 418 -6.50 -15.62 30.75
N LEU B 419 -6.57 -16.40 29.67
CA LEU B 419 -7.83 -17.04 29.26
C LEU B 419 -8.31 -18.12 30.23
N THR B 420 -7.37 -18.78 30.91
CA THR B 420 -7.73 -19.73 31.98
C THR B 420 -8.37 -18.97 33.14
N GLN B 421 -7.80 -17.83 33.49
CA GLN B 421 -8.37 -16.96 34.52
C GLN B 421 -9.72 -16.36 34.11
N LEU B 422 -9.87 -16.04 32.83
CA LEU B 422 -11.16 -15.58 32.32
C LEU B 422 -12.20 -16.71 32.36
N LYS B 423 -11.81 -17.92 31.97
CA LYS B 423 -12.68 -19.10 32.06
C LYS B 423 -13.20 -19.35 33.48
N LYS B 424 -12.31 -19.17 34.45
CA LYS B 424 -12.65 -19.33 35.87
C LYS B 424 -13.74 -18.32 36.33
N ALA B 425 -13.62 -17.06 35.92
CA ALA B 425 -14.63 -16.03 36.21
C ALA B 425 -15.98 -16.33 35.56
N ILE B 426 -15.93 -16.83 34.32
CA ILE B 426 -17.14 -17.18 33.58
C ILE B 426 -17.85 -18.40 34.19
N ASP B 427 -17.09 -19.42 34.59
CA ASP B 427 -17.63 -20.62 35.24
C ASP B 427 -18.28 -20.31 36.60
N GLU B 428 -17.86 -19.21 37.24
CA GLU B 428 -18.51 -18.69 38.44
C GLU B 428 -19.73 -17.78 38.18
N GLY B 429 -20.05 -17.51 36.91
CA GLY B 429 -21.28 -16.79 36.56
C GLY B 429 -21.14 -15.39 35.96
N ALA B 430 -19.92 -14.93 35.68
CA ALA B 430 -19.71 -13.60 35.05
C ALA B 430 -20.28 -13.57 33.63
N ASN B 431 -21.06 -12.55 33.29
CA ASN B 431 -21.70 -12.43 31.95
C ASN B 431 -20.75 -11.84 30.89
N VAL B 432 -19.71 -12.60 30.53
CA VAL B 432 -18.73 -12.21 29.53
C VAL B 432 -19.17 -12.82 28.20
N ALA B 433 -19.42 -11.98 27.20
CA ALA B 433 -19.93 -12.39 25.89
C ALA B 433 -18.83 -12.61 24.84
N GLY B 434 -17.63 -12.11 25.10
CA GLY B 434 -16.57 -12.20 24.11
C GLY B 434 -15.18 -11.83 24.59
N TYR B 435 -14.20 -12.18 23.77
CA TYR B 435 -12.79 -11.90 24.05
C TYR B 435 -12.08 -11.56 22.74
N PHE B 436 -11.34 -10.46 22.75
CA PHE B 436 -10.60 -9.96 21.59
C PHE B 436 -9.13 -9.72 21.95
N ALA B 437 -8.23 -10.30 21.17
CA ALA B 437 -6.78 -10.16 21.37
C ALA B 437 -6.19 -8.91 20.73
N TRP B 438 -5.50 -8.10 21.53
CA TRP B 438 -4.72 -6.98 21.01
C TRP B 438 -3.30 -7.52 20.78
N SER B 439 -2.80 -7.60 19.55
CA SER B 439 -3.42 -7.14 18.30
C SER B 439 -3.31 -8.26 17.26
N LEU B 440 -4.08 -8.16 16.19
CA LEU B 440 -3.89 -9.04 15.04
C LEU B 440 -2.46 -8.91 14.53
N LEU B 441 -1.97 -7.67 14.43
CA LEU B 441 -0.70 -7.35 13.80
C LEU B 441 0.16 -6.50 14.70
N ASP B 442 1.47 -6.66 14.59
CA ASP B 442 2.41 -5.64 15.09
C ASP B 442 2.04 -4.33 14.39
N ASN B 443 2.05 -3.21 15.13
CA ASN B 443 1.53 -1.95 14.59
C ASN B 443 2.20 -0.72 15.21
N PHE B 444 1.69 0.47 14.87
CA PHE B 444 2.18 1.74 15.45
C PHE B 444 1.70 1.88 16.90
N GLU B 445 2.62 1.72 17.86
CA GLU B 445 2.29 1.72 19.28
C GLU B 445 2.49 3.10 19.92
N TRP B 446 1.77 4.08 19.38
CA TRP B 446 1.72 5.44 19.90
C TRP B 446 3.12 6.05 20.21
N LEU B 447 3.41 6.42 21.46
CA LEU B 447 4.72 7.01 21.80
C LEU B 447 5.90 6.07 21.53
N SER B 448 5.67 4.76 21.59
CA SER B 448 6.73 3.77 21.31
C SER B 448 6.99 3.55 19.81
N GLY B 449 6.16 4.13 18.94
CA GLY B 449 6.27 3.92 17.51
C GLY B 449 6.23 2.43 17.18
N TYR B 450 7.21 1.98 16.38
CA TYR B 450 7.34 0.58 15.96
C TYR B 450 8.36 -0.21 16.82
N THR B 451 8.71 0.32 17.99
CA THR B 451 9.64 -0.35 18.90
C THR B 451 8.93 -1.36 19.82
N SER B 452 7.60 -1.41 19.79
CA SER B 452 6.79 -2.30 20.63
C SER B 452 5.92 -3.17 19.72
N LYS B 453 6.02 -4.50 19.88
CA LYS B 453 5.35 -5.47 18.99
C LYS B 453 4.28 -6.28 19.74
N PHE B 454 3.01 -5.88 19.57
CA PHE B 454 1.86 -6.50 20.24
C PHE B 454 1.16 -7.60 19.41
N GLY B 455 1.59 -7.84 18.18
CA GLY B 455 0.87 -8.73 17.27
C GLY B 455 0.95 -10.22 17.55
N ILE B 456 -0.13 -10.94 17.22
CA ILE B 456 -0.05 -12.41 17.07
C ILE B 456 0.49 -12.76 15.68
N VAL B 457 0.41 -11.80 14.76
CA VAL B 457 1.06 -11.88 13.45
C VAL B 457 2.21 -10.86 13.42
N TYR B 458 3.38 -11.32 13.00
CA TYR B 458 4.55 -10.46 12.81
C TYR B 458 4.39 -9.63 11.54
N VAL B 459 4.74 -8.34 11.64
CA VAL B 459 4.82 -7.46 10.47
C VAL B 459 6.27 -7.02 10.33
N ASP B 460 6.86 -7.33 9.18
CA ASP B 460 8.17 -6.81 8.83
C ASP B 460 7.97 -5.39 8.32
N PHE B 461 8.44 -4.39 9.07
CA PHE B 461 8.15 -2.99 8.71
C PHE B 461 9.04 -2.38 7.61
N ASN B 462 9.97 -3.17 7.07
CA ASN B 462 10.64 -2.81 5.81
C ASN B 462 9.86 -3.26 4.58
N THR B 463 9.43 -4.52 4.57
CA THR B 463 8.71 -5.11 3.44
C THR B 463 7.19 -5.10 3.56
N LEU B 464 6.69 -4.91 4.78
CA LEU B 464 5.27 -5.01 5.15
C LEU B 464 4.66 -6.42 5.09
N GLU B 465 5.49 -7.44 4.92
CA GLU B 465 5.03 -8.84 4.86
C GLU B 465 4.47 -9.27 6.20
N ARG B 466 3.37 -10.02 6.16
CA ARG B 466 2.79 -10.66 7.35
C ARG B 466 3.29 -12.11 7.50
N HIS B 467 3.65 -12.48 8.73
CA HIS B 467 4.03 -13.86 9.11
C HIS B 467 3.37 -14.21 10.47
N PRO B 468 2.46 -15.20 10.51
CA PRO B 468 1.92 -15.63 11.81
C PRO B 468 2.98 -16.08 12.81
N LYS B 469 2.82 -15.70 14.08
CA LYS B 469 3.69 -16.16 15.16
C LYS B 469 3.10 -17.43 15.76
N ALA B 470 3.86 -18.10 16.62
CA ALA B 470 3.35 -19.30 17.32
C ALA B 470 2.03 -19.04 18.06
N SER B 471 1.87 -17.84 18.62
CA SER B 471 0.63 -17.42 19.28
C SER B 471 -0.59 -17.39 18.36
N ALA B 472 -0.39 -17.02 17.10
CA ALA B 472 -1.44 -17.13 16.08
C ALA B 472 -1.85 -18.59 15.85
N TYR B 473 -0.86 -19.47 15.74
CA TYR B 473 -1.11 -20.91 15.58
C TYR B 473 -1.74 -21.51 16.83
N TRP B 474 -1.36 -20.99 18.00
CA TRP B 474 -2.03 -21.36 19.25
C TRP B 474 -3.53 -21.03 19.20
N PHE B 475 -3.87 -19.82 18.75
CA PHE B 475 -5.27 -19.46 18.59
C PHE B 475 -5.98 -20.33 17.56
N ARG B 476 -5.32 -20.63 16.44
CA ARG B 476 -5.92 -21.48 15.43
C ARG B 476 -6.26 -22.87 16.00
N ASP B 477 -5.33 -23.47 16.73
CA ASP B 477 -5.57 -24.76 17.38
C ASP B 477 -6.72 -24.67 18.37
N MET B 478 -6.65 -23.66 19.24
CA MET B 478 -7.62 -23.49 20.31
C MET B 478 -9.04 -23.24 19.78
N LEU B 479 -9.17 -22.51 18.68
CA LEU B 479 -10.47 -22.05 18.18
C LEU B 479 -11.11 -22.90 17.07
N LYS B 480 -10.50 -24.02 16.69
CA LYS B 480 -11.01 -24.80 15.55
C LYS B 480 -12.38 -25.42 15.84
N HIS B 481 -13.28 -25.37 14.84
CA HIS B 481 -14.67 -25.87 14.97
C HIS B 481 -14.71 -27.37 14.75
#